data_9F46
#
_entry.id   9F46
#
_cell.length_a   167.900
_cell.length_b   167.900
_cell.length_c   125.380
_cell.angle_alpha   90.00
_cell.angle_beta   90.00
_cell.angle_gamma   90.00
#
_symmetry.space_group_name_H-M   'P 42 21 2'
#
loop_
_entity.id
_entity.type
_entity.pdbx_description
1 polymer [FeFe]-hydrogenase
2 non-polymer 'IRON/SULFUR CLUSTER'
3 non-polymer 'ZINC ION'
4 non-polymer 'CHLORIDE ION'
5 water water
#
_entity_poly.entity_id   1
_entity_poly.type   'polypeptide(L)'
_entity_poly.pdbx_seq_one_letter_code
;MGDNKKSFIQSALGSVFSVFSEEELKELSNGRKIAICGKVNNPGIIEVPEGATLNEIIQLCGGLINKSNFKAAQIGLPFG
GFLTEDSLDKEFDFGIFYENIARTIIVLSQEDCIIQFEKFYIEYLLAKIKDGSYKNYEVVKEDITEMFNILNRISKGVSN
MREIYLLRNLAVTVKSKMNQKHNIMEEIIDKFYEEIEEHIEEKKCYTSQCNHLVKLTITKKCIGCGACKRACPVDCINGE
LKKKHEIDYNRCTHCGACVSACPVDAISAGDNTMLFLRDLATPNKVVITQMAPAVRVAIGEAFGFEPGENVEKKIAAGLR
KLGVDYVFDTSWGADLTIMEEAAELQERLERHLAGDESVKLPILTSCCPSWIKFIEQNYGDMLDVPSSAKSPMEMFAIVA
KEIWAKEKGLSRDEVTSVAIMPCIAKKYEASRAEFSVDMNYDVDYVITTRELIKIFENSGINLKEIEDEEIDTVMGEYTG
AGIIFGRTGGVIEAATRTALEKMTGERFDNIEFEGLRGWDGFRVCELEAGDIKLRIGVAHGLREAAKMLDKIRSGEEFFH
AIEIMACVGGCIGGGGQPKTKGNKQAALQKRAEGLNNIDRSKTLRRSNENPEVLAIYEKYLDHPLSNKAHELLHTVYFPR
VKKDDIWSVGVKLFGGGSGGGSGGGSWSHPQFEK
;
_entity_poly.pdbx_strand_id   A,B
#
# COMPACT_ATOMS: atom_id res chain seq x y z
N ALA A 12 -13.01 -12.47 30.15
CA ALA A 12 -12.63 -11.21 30.76
C ALA A 12 -13.64 -10.11 30.45
N LEU A 13 -13.61 -9.61 29.21
CA LEU A 13 -14.46 -8.49 28.80
C LEU A 13 -14.09 -7.25 29.60
N GLY A 14 -14.32 -6.07 29.06
CA GLY A 14 -14.14 -4.82 29.79
C GLY A 14 -13.73 -3.70 28.86
N SER A 15 -14.06 -2.48 29.28
CA SER A 15 -13.67 -1.29 28.54
C SER A 15 -14.09 -0.04 29.32
N VAL A 16 -13.27 1.00 29.20
CA VAL A 16 -13.55 2.35 29.69
C VAL A 16 -12.43 3.16 29.05
N PHE A 17 -12.61 4.46 28.79
CA PHE A 17 -11.51 5.18 28.14
C PHE A 17 -10.35 5.48 29.09
N SER A 18 -10.63 5.77 30.36
CA SER A 18 -9.58 5.69 31.36
C SER A 18 -9.09 4.25 31.54
N VAL A 19 -9.77 3.32 30.89
CA VAL A 19 -9.36 1.95 30.60
C VAL A 19 -9.23 1.01 31.79
N PHE A 20 -10.03 -0.05 31.76
CA PHE A 20 -10.25 -0.94 32.90
C PHE A 20 -10.86 -2.21 32.31
N SER A 21 -10.13 -3.31 32.39
CA SER A 21 -10.63 -4.62 31.95
C SER A 21 -11.32 -5.29 33.12
N GLU A 22 -12.63 -5.08 33.25
CA GLU A 22 -13.37 -5.65 34.36
C GLU A 22 -13.51 -7.15 34.14
N GLU A 23 -12.72 -7.93 34.89
CA GLU A 23 -12.71 -9.38 34.75
C GLU A 23 -14.00 -10.00 35.28
N GLY A 31 -32.72 -12.76 36.41
CA GLY A 31 -32.53 -11.64 37.32
C GLY A 31 -32.71 -10.30 36.65
N ARG A 32 -32.08 -9.27 37.20
CA ARG A 32 -32.13 -7.92 36.62
C ARG A 32 -30.75 -7.27 36.69
N LYS A 33 -29.72 -8.01 36.29
CA LYS A 33 -28.33 -7.55 36.42
C LYS A 33 -27.67 -7.55 35.06
N ILE A 34 -26.97 -6.45 34.73
CA ILE A 34 -26.30 -6.33 33.44
C ILE A 34 -24.85 -5.91 33.65
N ALA A 35 -23.98 -6.35 32.74
CA ALA A 35 -22.57 -5.96 32.75
C ALA A 35 -22.37 -4.86 31.70
N ILE A 36 -22.30 -3.62 32.16
CA ILE A 36 -22.09 -2.48 31.28
C ILE A 36 -20.60 -2.19 31.25
N CYS A 37 -20.01 -2.17 30.05
CA CYS A 37 -18.57 -1.95 29.93
C CYS A 37 -18.22 -1.07 28.74
N GLY A 38 -19.07 -0.13 28.35
CA GLY A 38 -18.79 0.63 27.16
C GLY A 38 -17.91 1.84 27.35
N LYS A 39 -18.39 2.99 26.88
CA LYS A 39 -17.75 4.28 27.12
C LYS A 39 -18.40 5.01 28.29
N VAL A 40 -19.01 4.26 29.20
CA VAL A 40 -19.65 4.85 30.37
C VAL A 40 -18.62 5.00 31.48
N ASN A 41 -18.67 6.14 32.17
CA ASN A 41 -17.94 6.24 33.43
C ASN A 41 -18.37 5.10 34.33
N ASN A 42 -17.48 4.64 35.17
CA ASN A 42 -17.85 3.59 36.12
C ASN A 42 -18.37 2.34 35.41
N PRO A 43 -17.52 1.59 34.71
CA PRO A 43 -17.98 0.29 34.18
C PRO A 43 -18.28 -0.65 35.34
N GLY A 44 -19.23 -1.55 35.12
CA GLY A 44 -19.50 -2.55 36.13
C GLY A 44 -20.81 -3.27 35.92
N ILE A 45 -21.18 -4.04 36.95
CA ILE A 45 -22.43 -4.79 36.98
C ILE A 45 -23.46 -3.93 37.70
N ILE A 46 -24.60 -3.72 37.05
CA ILE A 46 -25.61 -2.80 37.55
C ILE A 46 -26.96 -3.51 37.64
N GLU A 47 -27.77 -3.05 38.61
CA GLU A 47 -29.10 -3.56 38.87
C GLU A 47 -30.12 -2.63 38.21
N VAL A 48 -30.79 -3.13 37.18
CA VAL A 48 -31.65 -2.29 36.36
C VAL A 48 -32.99 -2.11 37.06
N PRO A 49 -33.49 -0.89 37.23
CA PRO A 49 -34.85 -0.72 37.75
C PRO A 49 -35.87 -1.19 36.73
N GLU A 50 -37.08 -1.50 37.23
CA GLU A 50 -38.10 -2.11 36.38
C GLU A 50 -38.40 -1.28 35.16
N GLY A 51 -38.98 -0.09 35.35
CA GLY A 51 -39.22 0.80 34.23
C GLY A 51 -38.01 1.67 33.99
N ALA A 52 -37.15 1.27 33.04
CA ALA A 52 -35.91 1.98 32.81
C ALA A 52 -35.58 2.00 31.33
N THR A 53 -35.20 3.18 30.84
CA THR A 53 -34.73 3.33 29.48
C THR A 53 -33.22 3.03 29.42
N LEU A 54 -32.66 3.07 28.21
CA LEU A 54 -31.21 2.93 28.08
C LEU A 54 -30.49 4.14 28.65
N ASN A 55 -31.02 5.34 28.41
CA ASN A 55 -30.40 6.55 28.98
C ASN A 55 -30.36 6.47 30.50
N GLU A 56 -31.40 5.91 31.12
CA GLU A 56 -31.42 5.83 32.57
C GLU A 56 -30.33 4.87 33.06
N ILE A 57 -30.13 3.75 32.36
CA ILE A 57 -29.05 2.84 32.72
C ILE A 57 -27.70 3.56 32.59
N ILE A 58 -27.49 4.26 31.48
CA ILE A 58 -26.24 4.97 31.29
C ILE A 58 -26.01 5.98 32.41
N GLN A 59 -27.06 6.71 32.81
CA GLN A 59 -26.92 7.68 33.89
C GLN A 59 -26.59 6.98 35.21
N LEU A 60 -27.19 5.82 35.46
CA LEU A 60 -26.88 5.05 36.65
C LEU A 60 -25.44 4.58 36.66
N CYS A 61 -24.82 4.43 35.49
CA CYS A 61 -23.39 4.17 35.40
C CYS A 61 -22.58 5.44 35.37
N GLY A 62 -23.22 6.61 35.53
CA GLY A 62 -22.49 7.85 35.60
C GLY A 62 -22.28 8.55 34.29
N GLY A 63 -23.09 8.25 33.28
CA GLY A 63 -22.90 8.86 31.99
C GLY A 63 -21.72 8.26 31.24
N LEU A 64 -21.33 8.95 30.18
CA LEU A 64 -20.28 8.50 29.29
C LEU A 64 -19.00 9.31 29.56
N ILE A 65 -17.85 8.71 29.25
CA ILE A 65 -16.59 9.39 29.49
C ILE A 65 -16.65 10.76 28.84
N ASN A 66 -16.04 11.74 29.50
CA ASN A 66 -16.22 13.15 29.12
C ASN A 66 -17.72 13.39 29.20
N LYS A 67 -18.35 13.98 28.18
CA LYS A 67 -19.81 14.09 28.13
C LYS A 67 -20.31 13.71 26.74
N SER A 68 -19.54 12.89 26.03
CA SER A 68 -19.88 12.51 24.66
C SER A 68 -21.26 11.87 24.61
N ASN A 69 -22.03 12.22 23.59
CA ASN A 69 -23.38 11.70 23.45
C ASN A 69 -23.35 10.21 23.11
N PHE A 70 -24.48 9.55 23.39
CA PHE A 70 -24.62 8.14 23.04
C PHE A 70 -24.54 7.97 21.53
N LYS A 71 -23.78 6.96 21.10
CA LYS A 71 -23.66 6.59 19.70
C LYS A 71 -24.35 5.27 19.40
N ALA A 72 -24.13 4.25 20.22
CA ALA A 72 -24.72 2.94 20.00
C ALA A 72 -24.48 2.07 21.22
N ALA A 73 -25.12 0.91 21.24
CA ALA A 73 -25.00 -0.04 22.33
C ALA A 73 -25.12 -1.44 21.76
N GLN A 74 -24.07 -2.24 21.89
CA GLN A 74 -24.12 -3.64 21.50
C GLN A 74 -24.73 -4.47 22.62
N ILE A 75 -25.56 -5.43 22.24
CA ILE A 75 -26.23 -6.32 23.18
C ILE A 75 -25.69 -7.73 22.97
N GLY A 76 -25.11 -8.31 24.01
CA GLY A 76 -24.57 -9.65 23.86
C GLY A 76 -23.27 -9.55 23.11
N LEU A 77 -22.22 -10.21 23.56
CA LEU A 77 -20.94 -9.96 22.92
C LEU A 77 -20.88 -10.65 21.56
N PRO A 78 -21.10 -11.97 21.47
CA PRO A 78 -21.23 -12.57 20.13
C PRO A 78 -22.52 -12.19 19.43
N PHE A 79 -23.67 -12.39 20.08
CA PHE A 79 -24.96 -12.19 19.44
C PHE A 79 -25.91 -11.35 20.27
N GLY A 80 -26.65 -10.48 19.59
CA GLY A 80 -27.70 -9.69 20.18
C GLY A 80 -28.24 -8.70 19.17
N GLY A 81 -28.49 -7.47 19.62
CA GLY A 81 -28.93 -6.39 18.77
C GLY A 81 -27.96 -5.22 18.83
N PHE A 82 -28.16 -4.27 17.92
CA PHE A 82 -27.36 -3.05 17.85
C PHE A 82 -28.30 -1.84 17.96
N LEU A 83 -28.18 -1.10 19.05
CA LEU A 83 -29.06 0.01 19.34
C LEU A 83 -28.38 1.33 18.98
N THR A 84 -29.17 2.28 18.51
CA THR A 84 -28.75 3.64 18.15
C THR A 84 -29.55 4.61 18.96
N GLU A 85 -29.44 5.89 18.60
CA GLU A 85 -30.12 6.90 19.40
C GLU A 85 -31.59 6.58 19.54
N ASP A 86 -32.19 5.93 18.54
CA ASP A 86 -33.64 5.74 18.54
C ASP A 86 -34.11 4.91 19.73
N SER A 87 -33.24 4.12 20.34
CA SER A 87 -33.60 3.28 21.47
C SER A 87 -33.26 3.89 22.83
N LEU A 88 -32.76 5.12 22.85
CA LEU A 88 -32.20 5.67 24.09
C LEU A 88 -33.28 5.94 25.12
N ASP A 89 -34.35 6.63 24.71
CA ASP A 89 -35.43 7.03 25.59
C ASP A 89 -36.57 6.03 25.61
N LYS A 90 -36.30 4.78 25.26
CA LYS A 90 -37.32 3.76 25.09
C LYS A 90 -37.07 2.64 26.09
N GLU A 91 -38.15 2.19 26.73
CA GLU A 91 -38.04 1.19 27.79
C GLU A 91 -37.16 0.05 27.33
N PHE A 92 -36.14 -0.26 28.13
CA PHE A 92 -35.22 -1.33 27.77
C PHE A 92 -35.89 -2.68 27.95
N ASP A 93 -36.49 -3.19 26.89
CA ASP A 93 -37.12 -4.51 26.91
C ASP A 93 -36.04 -5.57 27.02
N PHE A 94 -36.22 -6.52 27.93
CA PHE A 94 -35.21 -7.55 28.14
C PHE A 94 -35.27 -8.66 27.11
N GLY A 95 -36.28 -8.67 26.24
CA GLY A 95 -36.35 -9.73 25.24
C GLY A 95 -35.18 -9.71 24.28
N ILE A 96 -34.48 -8.57 24.18
CA ILE A 96 -33.28 -8.52 23.37
C ILE A 96 -32.20 -9.43 23.94
N PHE A 97 -32.29 -9.76 25.21
CA PHE A 97 -31.39 -10.74 25.83
C PHE A 97 -31.94 -12.15 25.60
N TYR A 98 -31.80 -12.63 24.36
CA TYR A 98 -32.30 -13.95 24.01
C TYR A 98 -31.46 -15.02 24.70
N GLU A 99 -31.79 -16.28 24.40
CA GLU A 99 -31.20 -17.43 25.07
C GLU A 99 -29.68 -17.29 25.23
N ASN A 100 -29.23 -17.43 26.47
CA ASN A 100 -27.80 -17.52 26.81
C ASN A 100 -26.99 -16.43 26.09
N ILE A 101 -27.43 -15.18 26.26
CA ILE A 101 -26.72 -14.03 25.73
C ILE A 101 -25.75 -13.45 26.76
N ALA A 102 -25.83 -13.91 28.00
CA ALA A 102 -24.98 -13.47 29.11
C ALA A 102 -25.30 -12.06 29.59
N ARG A 103 -26.19 -11.34 28.91
CA ARG A 103 -26.74 -10.09 29.42
C ARG A 103 -25.64 -9.06 29.68
N THR A 104 -25.03 -8.63 28.58
CA THR A 104 -23.98 -7.62 28.59
C THR A 104 -24.33 -6.53 27.58
N ILE A 105 -23.88 -5.31 27.89
CA ILE A 105 -24.05 -4.18 26.99
C ILE A 105 -22.72 -3.45 26.86
N ILE A 106 -22.28 -3.25 25.63
CA ILE A 106 -21.14 -2.39 25.31
C ILE A 106 -21.70 -1.09 24.76
N VAL A 107 -21.59 -0.03 25.53
CA VAL A 107 -22.08 1.28 25.13
C VAL A 107 -20.99 2.03 24.39
N LEU A 108 -21.35 2.67 23.28
CA LEU A 108 -20.44 3.46 22.49
C LEU A 108 -20.81 4.93 22.62
N SER A 109 -19.81 5.78 22.73
CA SER A 109 -20.01 7.22 22.68
C SER A 109 -19.52 7.72 21.32
N GLN A 110 -19.72 9.01 21.07
CA GLN A 110 -19.25 9.61 19.83
C GLN A 110 -17.73 9.64 19.74
N GLU A 111 -17.04 9.23 20.81
CA GLU A 111 -15.58 9.14 20.81
C GLU A 111 -15.07 7.81 20.32
N ASP A 112 -15.95 6.84 20.05
CA ASP A 112 -15.53 5.51 19.62
C ASP A 112 -15.68 5.41 18.11
N CYS A 113 -14.64 4.90 17.44
CA CYS A 113 -14.71 4.67 16.01
C CYS A 113 -15.51 3.40 15.73
N ILE A 114 -16.44 3.48 14.78
CA ILE A 114 -17.28 2.34 14.46
C ILE A 114 -16.47 1.25 13.76
N ILE A 115 -15.49 1.63 12.94
CA ILE A 115 -14.66 0.65 12.25
C ILE A 115 -13.90 -0.22 13.26
N GLN A 116 -13.24 0.42 14.22
CA GLN A 116 -12.48 -0.34 15.20
C GLN A 116 -13.39 -1.25 16.00
N PHE A 117 -14.55 -0.74 16.43
CA PHE A 117 -15.44 -1.57 17.22
C PHE A 117 -15.93 -2.77 16.43
N GLU A 118 -16.28 -2.57 15.16
CA GLU A 118 -16.78 -3.68 14.35
C GLU A 118 -15.67 -4.67 14.03
N LYS A 119 -14.44 -4.20 13.87
CA LYS A 119 -13.32 -5.14 13.77
C LYS A 119 -13.28 -6.02 15.01
N PHE A 120 -13.41 -5.40 16.19
CA PHE A 120 -13.39 -6.18 17.43
C PHE A 120 -14.55 -7.17 17.48
N TYR A 121 -15.75 -6.70 17.11
CA TYR A 121 -16.92 -7.57 17.13
C TYR A 121 -16.74 -8.77 16.20
N ILE A 122 -16.31 -8.52 14.97
CA ILE A 122 -16.14 -9.59 13.99
C ILE A 122 -15.06 -10.56 14.44
N GLU A 123 -13.95 -10.04 14.97
CA GLU A 123 -12.88 -10.93 15.43
C GLU A 123 -13.33 -11.79 16.60
N TYR A 124 -14.12 -11.21 17.52
CA TYR A 124 -14.68 -11.98 18.62
C TYR A 124 -15.56 -13.10 18.11
N LEU A 125 -16.47 -12.78 17.19
CA LEU A 125 -17.34 -13.80 16.63
C LEU A 125 -16.52 -14.88 15.93
N LEU A 126 -15.48 -14.48 15.20
CA LEU A 126 -14.65 -15.45 14.49
C LEU A 126 -13.94 -16.38 15.47
N ALA A 127 -13.44 -15.85 16.58
CA ALA A 127 -12.81 -16.70 17.59
C ALA A 127 -13.81 -17.70 18.16
N LYS A 128 -15.02 -17.22 18.48
CA LYS A 128 -16.01 -18.10 19.08
C LYS A 128 -16.49 -19.16 18.09
N ILE A 129 -16.48 -18.83 16.80
CA ILE A 129 -16.71 -19.85 15.78
C ILE A 129 -15.55 -20.83 15.75
N LYS A 130 -14.32 -20.31 15.71
CA LYS A 130 -13.14 -21.12 15.46
C LYS A 130 -12.89 -22.13 16.55
N ASP A 131 -13.40 -21.91 17.76
CA ASP A 131 -13.19 -22.89 18.83
C ASP A 131 -14.36 -23.86 18.98
N GLY A 132 -15.35 -23.79 18.09
CA GLY A 132 -16.41 -24.78 18.02
C GLY A 132 -17.62 -24.53 18.88
N SER A 133 -17.59 -23.52 19.76
CA SER A 133 -18.72 -23.26 20.64
C SER A 133 -19.93 -22.69 19.89
N TYR A 134 -19.77 -22.27 18.64
CA TYR A 134 -20.83 -21.69 17.81
C TYR A 134 -20.80 -22.33 16.43
N LYS A 135 -20.89 -23.66 16.43
CA LYS A 135 -20.82 -24.43 15.19
C LYS A 135 -21.81 -23.97 14.12
N ASN A 136 -23.02 -23.56 14.52
CA ASN A 136 -24.03 -23.27 13.52
C ASN A 136 -23.67 -22.08 12.63
N TYR A 137 -22.73 -21.24 13.03
CA TYR A 137 -22.26 -20.13 12.22
C TYR A 137 -21.06 -20.48 11.36
N GLU A 138 -20.54 -21.70 11.47
CA GLU A 138 -19.36 -22.07 10.70
C GLU A 138 -19.57 -21.80 9.23
N VAL A 139 -20.79 -22.01 8.73
CA VAL A 139 -21.02 -21.89 7.29
C VAL A 139 -20.67 -20.49 6.80
N VAL A 140 -20.81 -19.47 7.66
CA VAL A 140 -20.51 -18.10 7.24
C VAL A 140 -19.11 -17.69 7.60
N LYS A 141 -18.30 -18.59 8.15
CA LYS A 141 -16.95 -18.26 8.60
C LYS A 141 -16.22 -17.43 7.57
N GLU A 142 -16.01 -17.99 6.37
CA GLU A 142 -15.25 -17.28 5.35
C GLU A 142 -15.83 -15.89 5.13
N ASP A 143 -17.15 -15.81 4.97
CA ASP A 143 -17.79 -14.51 4.74
C ASP A 143 -17.45 -13.56 5.87
N ILE A 144 -17.63 -13.99 7.12
CA ILE A 144 -17.33 -13.11 8.24
C ILE A 144 -15.86 -12.69 8.17
N THR A 145 -14.98 -13.64 7.85
CA THR A 145 -13.57 -13.30 7.75
C THR A 145 -13.35 -12.21 6.72
N GLU A 146 -14.00 -12.34 5.55
CA GLU A 146 -13.84 -11.30 4.53
C GLU A 146 -14.31 -9.96 5.07
N MET A 147 -15.41 -9.95 5.83
CA MET A 147 -15.84 -8.71 6.45
C MET A 147 -14.70 -8.11 7.24
N PHE A 148 -14.09 -8.90 8.12
CA PHE A 148 -12.97 -8.39 8.90
C PHE A 148 -11.92 -7.79 7.98
N ASN A 149 -11.55 -8.53 6.93
CA ASN A 149 -10.50 -8.06 6.04
C ASN A 149 -10.87 -6.69 5.49
N ILE A 150 -12.13 -6.54 5.04
CA ILE A 150 -12.57 -5.25 4.53
C ILE A 150 -12.38 -4.19 5.61
N LEU A 151 -12.89 -4.45 6.81
CA LEU A 151 -12.73 -3.50 7.90
C LEU A 151 -11.26 -3.19 8.13
N ASN A 152 -10.42 -4.22 8.14
CA ASN A 152 -9.00 -3.97 8.37
C ASN A 152 -8.45 -3.04 7.30
N ARG A 153 -8.78 -3.32 6.03
CA ARG A 153 -8.31 -2.47 4.95
C ARG A 153 -8.78 -1.03 5.16
N ILE A 154 -10.00 -0.86 5.67
CA ILE A 154 -10.49 0.49 5.90
C ILE A 154 -9.68 1.18 6.99
N SER A 155 -9.34 0.44 8.05
CA SER A 155 -8.61 1.04 9.15
C SER A 155 -7.17 1.39 8.76
N LYS A 156 -6.62 0.72 7.75
CA LYS A 156 -5.26 0.97 7.31
C LYS A 156 -5.18 1.97 6.16
N GLY A 157 -6.31 2.44 5.64
CA GLY A 157 -6.26 3.42 4.60
C GLY A 157 -5.87 2.89 3.23
N VAL A 158 -6.24 1.64 2.92
CA VAL A 158 -5.88 1.06 1.64
C VAL A 158 -7.13 0.67 0.86
N SER A 159 -8.20 1.46 0.97
CA SER A 159 -9.50 1.06 0.46
C SER A 159 -10.05 2.06 -0.56
N ASN A 160 -11.04 1.58 -1.32
CA ASN A 160 -11.95 2.41 -2.11
C ASN A 160 -13.35 2.29 -1.51
N MET A 161 -14.29 3.08 -2.07
CA MET A 161 -15.68 2.99 -1.61
C MET A 161 -16.30 1.64 -1.92
N ARG A 162 -15.70 0.88 -2.85
CA ARG A 162 -16.23 -0.43 -3.19
C ARG A 162 -16.37 -1.31 -1.95
N GLU A 163 -15.52 -1.08 -0.94
CA GLU A 163 -15.60 -1.88 0.27
C GLU A 163 -17.01 -1.91 0.81
N ILE A 164 -17.67 -0.75 0.84
CA ILE A 164 -19.05 -0.70 1.34
C ILE A 164 -19.91 -1.68 0.55
N TYR A 165 -19.86 -1.57 -0.79
CA TYR A 165 -20.59 -2.52 -1.63
C TYR A 165 -20.32 -3.94 -1.18
N LEU A 166 -19.04 -4.31 -1.08
CA LEU A 166 -18.69 -5.67 -0.68
C LEU A 166 -19.33 -6.01 0.66
N LEU A 167 -19.14 -5.14 1.65
CA LEU A 167 -19.69 -5.41 2.97
C LEU A 167 -21.18 -5.69 2.86
N ARG A 168 -21.89 -4.83 2.11
CA ARG A 168 -23.32 -4.99 1.98
C ARG A 168 -23.66 -6.41 1.55
N ASN A 169 -23.04 -6.86 0.45
CA ASN A 169 -23.36 -8.18 -0.06
C ASN A 169 -22.99 -9.24 0.96
N LEU A 170 -21.81 -9.11 1.58
CA LEU A 170 -21.43 -10.05 2.62
C LEU A 170 -22.48 -10.05 3.72
N ALA A 171 -22.89 -8.85 4.16
CA ALA A 171 -23.95 -8.76 5.15
C ALA A 171 -25.16 -9.55 4.67
N VAL A 172 -25.62 -9.25 3.45
CA VAL A 172 -26.79 -9.94 2.92
C VAL A 172 -26.54 -11.44 2.94
N THR A 173 -25.35 -11.86 2.47
CA THR A 173 -25.04 -13.27 2.42
C THR A 173 -25.24 -13.89 3.79
N VAL A 174 -24.64 -13.27 4.81
CA VAL A 174 -24.76 -13.84 6.16
C VAL A 174 -26.22 -13.92 6.54
N LYS A 175 -26.95 -12.82 6.35
CA LYS A 175 -28.36 -12.79 6.74
C LYS A 175 -29.15 -13.86 6.01
N SER A 176 -28.74 -14.22 4.80
CA SER A 176 -29.41 -15.29 4.07
C SER A 176 -29.08 -16.64 4.66
N LYS A 177 -27.79 -16.89 4.94
CA LYS A 177 -27.37 -18.23 5.35
C LYS A 177 -27.79 -18.55 6.77
N MET A 178 -27.94 -17.52 7.62
CA MET A 178 -28.43 -17.71 8.97
C MET A 178 -29.94 -17.55 9.07
N ASN A 179 -30.62 -17.19 7.98
CA ASN A 179 -32.07 -17.03 7.96
C ASN A 179 -32.51 -15.97 8.97
N GLN A 180 -31.67 -14.95 9.15
CA GLN A 180 -31.85 -13.93 10.16
C GLN A 180 -32.61 -12.75 9.57
N LYS A 181 -33.39 -12.07 10.41
CA LYS A 181 -34.18 -10.95 9.94
C LYS A 181 -33.38 -9.64 9.94
N HIS A 182 -32.38 -9.52 10.81
CA HIS A 182 -31.57 -8.30 10.87
C HIS A 182 -30.10 -8.66 11.06
N ASN A 183 -29.30 -8.44 10.02
CA ASN A 183 -27.85 -8.58 10.13
C ASN A 183 -27.24 -7.25 10.58
N ILE A 184 -26.35 -7.31 11.56
CA ILE A 184 -25.84 -6.10 12.19
C ILE A 184 -25.14 -5.21 11.17
N MET A 185 -24.37 -5.79 10.25
CA MET A 185 -23.55 -4.99 9.34
C MET A 185 -24.40 -4.13 8.42
N GLU A 186 -25.55 -4.64 7.96
CA GLU A 186 -26.44 -3.83 7.13
C GLU A 186 -26.86 -2.57 7.86
N GLU A 187 -27.27 -2.71 9.13
CA GLU A 187 -27.65 -1.54 9.92
C GLU A 187 -26.44 -0.65 10.16
N ILE A 188 -25.25 -1.23 10.33
CA ILE A 188 -24.07 -0.42 10.53
C ILE A 188 -23.85 0.50 9.32
N ILE A 189 -23.92 -0.07 8.12
CA ILE A 189 -23.77 0.72 6.91
C ILE A 189 -24.84 1.80 6.87
N ASP A 190 -26.09 1.41 7.11
CA ASP A 190 -27.21 2.33 7.02
C ASP A 190 -27.01 3.52 7.96
N LYS A 191 -26.53 3.28 9.17
CA LYS A 191 -26.53 4.30 10.20
C LYS A 191 -25.25 5.12 10.23
N PHE A 192 -24.10 4.55 9.85
CA PHE A 192 -22.82 5.26 9.91
C PHE A 192 -22.13 5.32 8.56
N TYR A 193 -22.91 5.37 7.48
CA TYR A 193 -22.32 5.55 6.15
C TYR A 193 -21.39 6.75 6.11
N GLU A 194 -21.76 7.86 6.75
CA GLU A 194 -20.92 9.05 6.65
C GLU A 194 -19.55 8.80 7.28
N GLU A 195 -19.51 8.13 8.43
CA GLU A 195 -18.24 7.82 9.05
C GLU A 195 -17.40 6.88 8.19
N ILE A 196 -18.04 5.86 7.63
CA ILE A 196 -17.29 4.90 6.81
C ILE A 196 -16.72 5.59 5.58
N GLU A 197 -17.55 6.39 4.91
CA GLU A 197 -17.10 7.15 3.74
C GLU A 197 -15.99 8.12 4.11
N GLU A 198 -16.08 8.74 5.29
CA GLU A 198 -14.99 9.60 5.75
C GLU A 198 -13.70 8.80 5.85
N HIS A 199 -13.75 7.65 6.52
CA HIS A 199 -12.57 6.82 6.64
C HIS A 199 -11.95 6.54 5.28
N ILE A 200 -12.78 6.18 4.30
CA ILE A 200 -12.26 5.71 3.03
C ILE A 200 -11.79 6.87 2.16
N GLU A 201 -12.69 7.81 1.88
CA GLU A 201 -12.38 8.88 0.93
C GLU A 201 -11.45 9.93 1.53
N GLU A 202 -11.68 10.32 2.78
CA GLU A 202 -10.88 11.34 3.42
C GLU A 202 -9.73 10.77 4.23
N LYS A 203 -9.61 9.45 4.32
CA LYS A 203 -8.56 8.81 5.11
C LYS A 203 -8.54 9.37 6.53
N LYS A 204 -9.73 9.61 7.09
CA LYS A 204 -9.86 10.31 8.35
C LYS A 204 -10.77 9.52 9.29
N CYS A 205 -10.28 9.30 10.50
CA CYS A 205 -11.02 8.66 11.58
C CYS A 205 -11.32 9.75 12.60
N TYR A 206 -12.57 10.24 12.61
CA TYR A 206 -12.88 11.46 13.35
C TYR A 206 -12.69 11.28 14.85
N THR A 207 -12.70 10.05 15.36
CA THR A 207 -12.38 9.80 16.76
C THR A 207 -10.91 9.46 16.99
N SER A 208 -10.13 9.25 15.93
CA SER A 208 -8.70 9.00 16.01
C SER A 208 -8.35 7.69 16.71
N GLN A 209 -9.26 6.72 16.72
CA GLN A 209 -8.95 5.40 17.26
C GLN A 209 -8.18 4.53 16.26
N CYS A 210 -8.29 4.83 14.96
CA CYS A 210 -7.54 4.09 13.93
C CYS A 210 -6.12 4.67 13.89
N ASN A 211 -5.18 4.00 14.57
CA ASN A 211 -3.84 4.55 14.71
C ASN A 211 -3.14 4.77 13.37
N HIS A 212 -3.54 4.07 12.32
CA HIS A 212 -2.89 4.22 11.03
C HIS A 212 -3.48 5.36 10.20
N LEU A 213 -4.49 6.06 10.71
CA LEU A 213 -4.99 7.28 10.09
C LEU A 213 -4.71 8.53 10.92
N VAL A 214 -4.07 8.39 12.08
CA VAL A 214 -3.79 9.53 12.96
C VAL A 214 -2.42 10.10 12.60
N LYS A 215 -2.35 11.41 12.48
CA LYS A 215 -1.11 12.15 12.37
C LYS A 215 -1.03 13.10 13.57
N LEU A 216 0.18 13.50 13.93
CA LEU A 216 0.34 14.49 14.99
C LEU A 216 -0.22 15.82 14.52
N THR A 217 -1.31 16.27 15.16
CA THR A 217 -1.99 17.49 14.75
C THR A 217 -2.35 18.34 15.96
N ILE A 218 -2.30 19.66 15.77
CA ILE A 218 -2.81 20.61 16.77
C ILE A 218 -4.30 20.78 16.52
N THR A 219 -5.12 20.54 17.56
CA THR A 219 -6.57 20.52 17.41
C THR A 219 -7.16 21.90 17.68
N LYS A 220 -8.50 21.99 17.70
CA LYS A 220 -9.21 23.27 17.73
C LYS A 220 -9.19 23.92 19.11
N LYS A 221 -8.94 23.11 20.17
CA LYS A 221 -8.85 23.50 21.58
C LYS A 221 -7.55 24.27 21.80
N CYS A 222 -6.75 24.42 20.74
CA CYS A 222 -5.56 25.28 20.77
C CYS A 222 -5.95 26.72 21.02
N ILE A 223 -5.24 27.37 21.95
CA ILE A 223 -5.53 28.75 22.33
C ILE A 223 -4.50 29.72 21.79
N GLY A 224 -3.54 29.26 21.01
CA GLY A 224 -2.52 30.15 20.48
C GLY A 224 -1.58 30.73 21.52
N CYS A 225 -1.26 29.96 22.56
CA CYS A 225 -0.34 30.47 23.57
C CYS A 225 1.10 30.46 23.08
N GLY A 226 1.40 29.72 22.01
CA GLY A 226 2.71 29.75 21.40
C GLY A 226 3.79 28.98 22.10
N ALA A 227 3.46 28.24 23.17
CA ALA A 227 4.48 27.47 23.88
C ALA A 227 5.11 26.42 22.97
N CYS A 228 4.28 25.69 22.21
CA CYS A 228 4.81 24.67 21.32
C CYS A 228 5.80 25.25 20.33
N LYS A 229 5.48 26.41 19.74
CA LYS A 229 6.39 27.03 18.78
C LYS A 229 7.74 27.31 19.42
N ARG A 230 7.74 27.80 20.67
CA ARG A 230 9.00 28.05 21.36
C ARG A 230 9.75 26.74 21.60
N ALA A 231 9.03 25.67 21.91
CA ALA A 231 9.68 24.41 22.28
C ALA A 231 10.28 23.69 21.07
N CYS A 232 9.75 23.91 19.88
CA CYS A 232 10.15 23.13 18.72
C CYS A 232 11.62 23.35 18.39
N PRO A 233 12.45 22.30 18.36
CA PRO A 233 13.88 22.51 18.06
C PRO A 233 14.15 22.81 16.59
N VAL A 234 13.25 22.44 15.68
CA VAL A 234 13.48 22.67 14.26
C VAL A 234 12.64 23.82 13.71
N ASP A 235 11.91 24.54 14.56
CA ASP A 235 11.07 25.66 14.13
C ASP A 235 10.04 25.19 13.11
N CYS A 236 9.26 24.20 13.53
CA CYS A 236 8.30 23.51 12.67
C CYS A 236 6.86 23.99 12.82
N ILE A 237 6.58 24.87 13.77
CA ILE A 237 5.22 25.26 14.11
C ILE A 237 5.04 26.75 13.82
N ASN A 238 3.98 27.09 13.10
CA ASN A 238 3.69 28.46 12.73
C ASN A 238 2.44 28.93 13.46
N GLY A 239 2.34 30.24 13.66
CA GLY A 239 1.19 30.83 14.32
C GLY A 239 1.55 31.98 15.23
N GLU A 240 0.58 32.86 15.47
CA GLU A 240 0.74 34.04 16.27
C GLU A 240 -0.41 34.14 17.26
N LEU A 241 -0.31 35.11 18.16
CA LEU A 241 -1.32 35.44 19.17
C LEU A 241 -2.33 34.33 19.47
N LYS A 242 -3.60 34.70 19.68
CA LYS A 242 -4.62 33.68 19.95
C LYS A 242 -4.80 32.73 18.77
N LYS A 243 -4.23 33.03 17.62
CA LYS A 243 -4.45 32.20 16.43
C LYS A 243 -3.96 30.78 16.64
N LYS A 244 -4.76 29.83 16.14
CA LYS A 244 -4.38 28.42 16.14
C LYS A 244 -3.00 28.24 15.52
N HIS A 245 -2.20 27.38 16.14
CA HIS A 245 -0.89 27.04 15.62
C HIS A 245 -0.98 25.77 14.79
N GLU A 246 -0.04 25.61 13.85
CA GLU A 246 -0.07 24.51 12.91
C GLU A 246 1.32 23.91 12.77
N ILE A 247 1.35 22.60 12.55
CA ILE A 247 2.58 21.83 12.43
C ILE A 247 2.90 21.62 10.96
N ASP A 248 4.11 21.99 10.56
CA ASP A 248 4.61 21.65 9.23
C ASP A 248 5.05 20.19 9.28
N TYR A 249 4.12 19.28 8.99
CA TYR A 249 4.40 17.86 9.17
C TYR A 249 5.58 17.39 8.32
N ASN A 250 5.91 18.12 7.25
CA ASN A 250 6.98 17.69 6.37
C ASN A 250 8.35 17.75 7.05
N ARG A 251 8.51 18.64 8.03
CA ARG A 251 9.77 18.79 8.75
C ARG A 251 9.71 18.25 10.18
N CYS A 252 8.57 17.73 10.62
CA CYS A 252 8.42 17.33 12.01
C CYS A 252 9.23 16.09 12.33
N THR A 253 10.02 16.16 13.40
CA THR A 253 10.84 15.03 13.84
C THR A 253 10.10 14.14 14.84
N HIS A 254 8.89 14.51 15.25
CA HIS A 254 8.13 13.74 16.23
C HIS A 254 8.86 13.64 17.57
N CYS A 255 9.71 14.64 17.86
CA CYS A 255 10.41 14.66 19.13
C CYS A 255 9.46 14.81 20.31
N GLY A 256 8.26 15.32 20.07
CA GLY A 256 7.24 15.40 21.09
C GLY A 256 7.40 16.53 22.07
N ALA A 257 8.28 17.50 21.79
CA ALA A 257 8.40 18.65 22.68
C ALA A 257 7.11 19.46 22.72
N CYS A 258 6.48 19.66 21.57
CA CYS A 258 5.27 20.47 21.52
C CYS A 258 4.18 19.87 22.40
N VAL A 259 3.98 18.56 22.33
CA VAL A 259 2.96 17.93 23.15
C VAL A 259 3.23 18.18 24.63
N SER A 260 4.49 18.05 25.03
CA SER A 260 4.84 18.26 26.43
C SER A 260 4.62 19.70 26.86
N ALA A 261 4.80 20.65 25.95
CA ALA A 261 4.72 22.06 26.33
C ALA A 261 3.29 22.59 26.39
N CYS A 262 2.33 21.88 25.82
CA CYS A 262 0.98 22.42 25.68
C CYS A 262 0.26 22.47 27.02
N PRO A 263 -0.20 23.65 27.47
CA PRO A 263 -1.02 23.70 28.69
C PRO A 263 -2.34 22.95 28.56
N VAL A 264 -2.81 22.74 27.33
CA VAL A 264 -4.09 22.10 27.06
C VAL A 264 -3.80 20.79 26.34
N ASP A 265 -4.84 20.06 25.95
CA ASP A 265 -4.69 18.83 25.20
C ASP A 265 -4.84 19.08 23.71
N ALA A 266 -4.36 20.23 23.25
CA ALA A 266 -4.63 20.66 21.88
C ALA A 266 -3.83 19.85 20.86
N ILE A 267 -2.69 19.30 21.25
CA ILE A 267 -1.86 18.50 20.36
C ILE A 267 -2.13 17.02 20.65
N SER A 268 -2.62 16.30 19.66
CA SER A 268 -2.97 14.89 19.80
C SER A 268 -2.13 14.06 18.86
N ALA A 269 -1.64 12.92 19.35
CA ALA A 269 -0.88 11.97 18.55
C ALA A 269 -1.45 10.57 18.70
N GLY A 270 -2.74 10.47 18.98
CA GLY A 270 -3.41 9.18 19.11
C GLY A 270 -3.17 8.54 20.47
N ASP A 271 -3.91 7.47 20.71
CA ASP A 271 -3.80 6.72 21.96
C ASP A 271 -4.39 5.34 21.70
N ASN A 272 -3.54 4.32 21.65
CA ASN A 272 -3.95 2.97 21.29
C ASN A 272 -4.45 2.17 22.47
N THR A 273 -4.79 2.84 23.58
CA THR A 273 -5.15 2.12 24.79
C THR A 273 -6.35 1.21 24.55
N MET A 274 -7.41 1.74 23.94
CA MET A 274 -8.62 0.93 23.74
C MET A 274 -8.34 -0.25 22.81
N LEU A 275 -7.53 -0.04 21.77
CA LEU A 275 -7.15 -1.16 20.90
C LEU A 275 -6.43 -2.25 21.70
N PHE A 276 -5.52 -1.85 22.58
CA PHE A 276 -4.82 -2.82 23.42
C PHE A 276 -5.82 -3.61 24.26
N LEU A 277 -6.77 -2.91 24.88
CA LEU A 277 -7.75 -3.60 25.70
C LEU A 277 -8.60 -4.56 24.89
N ARG A 278 -9.07 -4.13 23.72
CA ARG A 278 -9.89 -4.99 22.87
C ARG A 278 -9.12 -6.24 22.44
N ASP A 279 -7.85 -6.07 22.04
CA ASP A 279 -7.06 -7.23 21.68
C ASP A 279 -6.91 -8.18 22.87
N LEU A 280 -6.70 -7.62 24.07
CA LEU A 280 -6.62 -8.44 25.26
C LEU A 280 -7.93 -9.19 25.53
N ALA A 281 -9.07 -8.57 25.19
CA ALA A 281 -10.36 -9.18 25.43
C ALA A 281 -10.78 -10.16 24.33
N THR A 282 -10.02 -10.26 23.25
CA THR A 282 -10.38 -11.18 22.18
C THR A 282 -9.92 -12.59 22.53
N PRO A 283 -10.82 -13.57 22.57
CA PRO A 283 -10.39 -14.93 22.97
C PRO A 283 -9.38 -15.51 22.00
N ASN A 284 -8.44 -16.28 22.55
CA ASN A 284 -7.46 -17.04 21.77
C ASN A 284 -6.67 -16.16 20.81
N LYS A 285 -6.47 -14.90 21.16
CA LYS A 285 -5.61 -14.00 20.40
C LYS A 285 -4.29 -13.87 21.14
N VAL A 286 -3.19 -14.18 20.46
CA VAL A 286 -1.87 -14.16 21.07
C VAL A 286 -1.38 -12.72 21.12
N VAL A 287 -1.17 -12.20 22.33
CA VAL A 287 -0.66 -10.86 22.54
C VAL A 287 0.69 -10.98 23.25
N ILE A 288 1.72 -10.37 22.67
CA ILE A 288 3.05 -10.33 23.27
C ILE A 288 3.47 -8.87 23.37
N THR A 289 4.35 -8.58 24.33
CA THR A 289 4.84 -7.22 24.50
C THR A 289 6.36 -7.19 24.51
N GLN A 290 6.91 -6.07 24.03
CA GLN A 290 8.27 -5.65 24.30
C GLN A 290 8.16 -4.33 25.06
N MET A 291 9.22 -4.00 25.81
CA MET A 291 9.22 -2.77 26.59
C MET A 291 10.59 -2.13 26.54
N ALA A 292 10.60 -0.81 26.37
CA ALA A 292 11.84 -0.08 26.18
C ALA A 292 12.67 -0.04 27.46
N PRO A 293 13.99 0.00 27.35
CA PRO A 293 14.83 0.05 28.57
C PRO A 293 14.40 1.10 29.57
N ALA A 294 14.06 2.31 29.13
CA ALA A 294 13.85 3.42 30.05
C ALA A 294 12.51 3.35 30.77
N VAL A 295 11.59 2.50 30.33
CA VAL A 295 10.28 2.45 30.97
C VAL A 295 10.41 1.94 32.40
N ARG A 296 11.24 0.92 32.62
CA ARG A 296 11.24 0.22 33.90
C ARG A 296 11.81 1.04 35.05
N VAL A 297 12.51 2.14 34.77
CA VAL A 297 13.07 2.98 35.83
C VAL A 297 12.24 4.24 36.05
N ALA A 298 11.11 4.36 35.37
CA ALA A 298 10.23 5.52 35.53
C ALA A 298 8.80 5.14 35.91
N ILE A 299 8.29 4.01 35.42
CA ILE A 299 6.90 3.66 35.65
C ILE A 299 6.63 3.55 37.15
N GLY A 300 7.56 2.98 37.90
CA GLY A 300 7.35 2.78 39.32
C GLY A 300 7.10 4.06 40.08
N GLU A 301 7.49 5.21 39.51
CA GLU A 301 7.22 6.48 40.16
C GLU A 301 5.73 6.67 40.42
N ALA A 302 4.88 6.14 39.52
CA ALA A 302 3.44 6.27 39.71
C ALA A 302 2.91 5.39 40.83
N PHE A 303 3.72 4.46 41.35
CA PHE A 303 3.26 3.48 42.33
C PHE A 303 4.06 3.49 43.62
N GLY A 304 4.84 4.55 43.85
CA GLY A 304 5.53 4.71 45.11
C GLY A 304 6.99 4.35 45.12
N PHE A 305 7.55 3.96 43.97
CA PHE A 305 8.97 3.71 43.86
C PHE A 305 9.72 5.01 43.58
N GLU A 306 11.01 5.00 43.89
CA GLU A 306 11.86 6.14 43.57
C GLU A 306 12.24 6.13 42.09
N PRO A 307 12.53 7.29 41.50
CA PRO A 307 13.09 7.30 40.15
C PRO A 307 14.40 6.52 40.11
N GLY A 308 14.58 5.75 39.03
CA GLY A 308 15.72 4.89 38.89
C GLY A 308 15.55 3.48 39.42
N GLU A 309 14.50 3.23 40.21
CA GLU A 309 14.24 1.89 40.72
C GLU A 309 13.70 1.00 39.61
N ASN A 310 14.32 -0.17 39.43
CA ASN A 310 13.93 -1.08 38.37
C ASN A 310 12.76 -1.95 38.80
N VAL A 311 11.62 -1.80 38.14
CA VAL A 311 10.41 -2.53 38.51
C VAL A 311 9.96 -3.41 37.35
N GLU A 312 10.92 -3.87 36.55
CA GLU A 312 10.57 -4.61 35.33
C GLU A 312 9.73 -5.86 35.65
N LYS A 313 10.03 -6.54 36.75
CA LYS A 313 9.27 -7.74 37.09
C LYS A 313 7.84 -7.40 37.51
N LYS A 314 7.65 -6.26 38.18
CA LYS A 314 6.29 -5.80 38.47
C LYS A 314 5.54 -5.54 37.18
N ILE A 315 6.18 -4.91 36.21
CA ILE A 315 5.54 -4.66 34.92
C ILE A 315 5.16 -5.98 34.27
N ALA A 316 6.06 -6.97 34.32
CA ALA A 316 5.76 -8.27 33.72
C ALA A 316 4.51 -8.88 34.34
N ALA A 317 4.45 -8.89 35.68
CA ALA A 317 3.29 -9.47 36.35
C ALA A 317 2.02 -8.70 36.01
N GLY A 318 2.10 -7.37 35.98
CA GLY A 318 0.92 -6.58 35.65
C GLY A 318 0.43 -6.84 34.24
N LEU A 319 1.36 -6.90 33.29
CA LEU A 319 0.97 -7.16 31.90
C LEU A 319 0.30 -8.52 31.78
N ARG A 320 0.85 -9.54 32.46
CA ARG A 320 0.21 -10.84 32.42
C ARG A 320 -1.18 -10.81 33.03
N LYS A 321 -1.35 -10.07 34.13
CA LYS A 321 -2.67 -9.94 34.72
C LYS A 321 -3.65 -9.29 33.75
N LEU A 322 -3.18 -8.31 32.99
CA LEU A 322 -4.05 -7.69 31.98
C LEU A 322 -4.43 -8.69 30.90
N GLY A 323 -3.61 -9.71 30.66
CA GLY A 323 -3.92 -10.71 29.67
C GLY A 323 -2.83 -10.98 28.65
N VAL A 324 -1.68 -10.31 28.81
CA VAL A 324 -0.57 -10.51 27.88
C VAL A 324 -0.07 -11.95 27.99
N ASP A 325 0.09 -12.60 26.84
CA ASP A 325 0.48 -14.00 26.82
C ASP A 325 1.98 -14.20 26.92
N TYR A 326 2.78 -13.25 26.43
CA TYR A 326 4.23 -13.34 26.50
C TYR A 326 4.80 -11.96 26.73
N VAL A 327 5.70 -11.85 27.70
CA VAL A 327 6.36 -10.60 28.03
C VAL A 327 7.83 -10.74 27.65
N PHE A 328 8.27 -9.92 26.71
CA PHE A 328 9.66 -9.88 26.26
C PHE A 328 10.22 -8.49 26.55
N ASP A 329 11.44 -8.23 26.08
CA ASP A 329 12.16 -7.01 26.46
C ASP A 329 12.83 -6.40 25.24
N THR A 330 12.65 -5.09 25.08
CA THR A 330 13.34 -4.38 24.00
C THR A 330 14.86 -4.37 24.18
N SER A 331 15.35 -4.55 25.41
CA SER A 331 16.79 -4.56 25.63
C SER A 331 17.45 -5.74 24.93
N TRP A 332 16.72 -6.84 24.77
CA TRP A 332 17.21 -7.93 23.93
C TRP A 332 17.43 -7.45 22.50
N GLY A 333 16.46 -6.72 21.95
CA GLY A 333 16.65 -6.14 20.64
C GLY A 333 17.78 -5.13 20.62
N ALA A 334 18.06 -4.48 21.75
CA ALA A 334 19.18 -3.56 21.81
C ALA A 334 20.51 -4.31 21.74
N ASP A 335 20.59 -5.46 22.38
CA ASP A 335 21.77 -6.30 22.24
C ASP A 335 21.96 -6.73 20.79
N LEU A 336 20.88 -7.13 20.13
CA LEU A 336 20.97 -7.48 18.71
C LEU A 336 21.41 -6.27 17.88
N THR A 337 20.85 -5.10 18.18
CA THR A 337 21.25 -3.89 17.51
C THR A 337 22.75 -3.64 17.68
N ILE A 338 23.27 -3.85 18.88
CA ILE A 338 24.70 -3.67 19.09
C ILE A 338 25.51 -4.69 18.28
N MET A 339 25.03 -5.93 18.23
CA MET A 339 25.70 -6.92 17.39
C MET A 339 25.91 -6.36 15.98
N GLU A 340 24.85 -5.78 15.40
CA GLU A 340 24.96 -5.25 14.05
C GLU A 340 25.80 -3.96 14.01
N GLU A 341 25.57 -3.05 14.94
CA GLU A 341 26.15 -1.71 14.87
C GLU A 341 27.64 -1.71 15.22
N ALA A 342 28.04 -2.50 16.21
CA ALA A 342 29.46 -2.64 16.50
C ALA A 342 30.19 -3.19 15.29
N ALA A 343 29.59 -4.15 14.60
CA ALA A 343 30.18 -4.67 13.36
C ALA A 343 30.35 -3.56 12.34
N GLU A 344 29.30 -2.76 12.12
CA GLU A 344 29.40 -1.71 11.12
C GLU A 344 30.44 -0.66 11.51
N LEU A 345 30.49 -0.29 12.79
CA LEU A 345 31.47 0.67 13.27
C LEU A 345 32.88 0.15 13.06
N GLN A 346 33.12 -1.11 13.42
CA GLN A 346 34.43 -1.70 13.20
C GLN A 346 34.79 -1.70 11.72
N GLU A 347 33.82 -2.05 10.87
CA GLU A 347 34.08 -2.05 9.43
C GLU A 347 34.48 -0.67 8.95
N ARG A 348 33.74 0.35 9.37
CA ARG A 348 34.05 1.71 8.93
C ARG A 348 35.40 2.16 9.43
N LEU A 349 35.75 1.83 10.67
CA LEU A 349 37.05 2.20 11.19
C LEU A 349 38.17 1.52 10.41
N GLU A 350 38.02 0.23 10.14
CA GLU A 350 39.04 -0.49 9.40
C GLU A 350 39.21 0.05 7.99
N ARG A 351 38.10 0.37 7.33
CA ARG A 351 38.18 0.94 6.00
C ARG A 351 38.81 2.34 6.03
N HIS A 352 38.48 3.13 7.05
CA HIS A 352 39.09 4.45 7.19
C HIS A 352 40.60 4.33 7.36
N LEU A 353 41.05 3.44 8.25
CA LEU A 353 42.47 3.28 8.49
C LEU A 353 43.21 2.75 7.27
N ALA A 354 42.52 2.07 6.37
CA ALA A 354 43.12 1.53 5.16
C ALA A 354 43.21 2.56 4.03
N GLY A 355 42.70 3.77 4.24
CA GLY A 355 42.72 4.78 3.19
C GLY A 355 41.48 4.83 2.34
N ASP A 356 40.39 4.22 2.80
CA ASP A 356 39.12 4.22 2.09
C ASP A 356 38.45 5.59 2.17
N GLU A 357 38.42 6.32 1.05
CA GLU A 357 37.70 7.59 0.98
C GLU A 357 36.25 7.37 0.60
N SER A 358 35.95 6.15 0.16
CA SER A 358 34.60 5.62 0.06
C SER A 358 33.89 5.67 1.39
N VAL A 359 34.60 5.40 2.49
CA VAL A 359 33.91 5.34 3.79
C VAL A 359 33.56 6.74 4.26
N LYS A 360 32.56 6.83 5.15
CA LYS A 360 32.10 8.09 5.72
C LYS A 360 32.10 7.99 7.24
N LEU A 361 32.66 9.00 7.89
CA LEU A 361 32.64 9.13 9.34
C LEU A 361 32.11 10.51 9.71
N PRO A 362 31.48 10.65 10.88
CA PRO A 362 31.29 9.59 11.89
C PRO A 362 30.22 8.58 11.47
N ILE A 363 30.09 7.50 12.23
CA ILE A 363 28.90 6.65 12.17
C ILE A 363 27.99 7.09 13.31
N LEU A 364 26.71 7.31 13.01
CA LEU A 364 25.74 7.65 14.04
C LEU A 364 25.06 6.36 14.51
N THR A 365 25.08 6.15 15.82
CA THR A 365 24.41 5.00 16.45
C THR A 365 23.41 5.56 17.44
N SER A 366 22.12 5.35 17.16
CA SER A 366 21.07 5.85 18.03
C SER A 366 19.74 5.25 17.61
N CYS A 367 18.96 4.81 18.60
CA CYS A 367 17.64 4.25 18.35
C CYS A 367 16.55 5.30 18.22
N CYS A 368 16.91 6.58 18.32
CA CYS A 368 15.92 7.65 18.32
C CYS A 368 15.45 7.95 16.90
N PRO A 369 14.15 7.86 16.60
CA PRO A 369 13.70 8.18 15.24
C PRO A 369 13.90 9.64 14.87
N SER A 370 13.95 10.54 15.85
CA SER A 370 13.88 11.96 15.55
C SER A 370 15.04 12.43 14.69
N TRP A 371 16.18 11.75 14.73
CA TRP A 371 17.30 12.25 13.93
C TRP A 371 17.04 12.08 12.45
N ILE A 372 16.20 11.11 12.07
CA ILE A 372 16.03 10.78 10.67
C ILE A 372 15.68 12.03 9.88
N LYS A 373 14.48 12.57 10.12
CA LYS A 373 14.09 13.78 9.43
C LYS A 373 15.03 14.92 9.78
N PHE A 374 15.50 14.96 11.02
CA PHE A 374 16.41 16.03 11.42
C PHE A 374 17.63 16.05 10.52
N ILE A 375 18.14 14.88 10.17
CA ILE A 375 19.29 14.83 9.28
C ILE A 375 18.85 15.06 7.85
N GLU A 376 17.71 14.46 7.47
CA GLU A 376 17.23 14.58 6.11
C GLU A 376 16.89 16.04 5.77
N GLN A 377 16.29 16.75 6.71
CA GLN A 377 15.81 18.10 6.43
C GLN A 377 16.88 19.18 6.57
N ASN A 378 17.98 18.90 7.26
CA ASN A 378 18.97 19.94 7.52
C ASN A 378 20.43 19.51 7.33
N TYR A 379 20.72 18.24 7.14
CA TYR A 379 22.09 17.75 7.03
C TYR A 379 22.19 16.73 5.89
N GLY A 380 21.67 17.13 4.73
CA GLY A 380 21.64 16.26 3.56
C GLY A 380 22.99 15.92 2.99
N ASP A 381 24.06 16.56 3.46
CA ASP A 381 25.41 16.13 3.13
C ASP A 381 25.90 15.02 4.05
N MET A 382 25.05 14.56 4.98
CA MET A 382 25.44 13.55 5.96
C MET A 382 24.44 12.38 5.98
N LEU A 383 23.85 12.05 4.83
CA LEU A 383 22.91 10.95 4.80
C LEU A 383 23.59 9.59 4.89
N ASP A 384 24.89 9.52 4.58
CA ASP A 384 25.65 8.28 4.69
C ASP A 384 26.22 8.05 6.09
N VAL A 385 25.96 8.97 7.01
CA VAL A 385 26.50 8.89 8.36
C VAL A 385 25.77 7.84 9.19
N PRO A 386 24.44 7.87 9.27
CA PRO A 386 23.75 6.95 10.19
C PRO A 386 23.98 5.48 9.81
N SER A 387 23.97 4.63 10.83
CA SER A 387 24.02 3.19 10.62
C SER A 387 22.75 2.73 9.91
N SER A 388 22.88 1.69 9.10
CA SER A 388 21.74 1.11 8.42
C SER A 388 20.94 0.17 9.33
N ALA A 389 21.40 -0.06 10.56
CA ALA A 389 20.73 -0.98 11.45
C ALA A 389 19.40 -0.41 11.91
N LYS A 390 18.40 -1.28 12.01
CA LYS A 390 17.11 -0.89 12.56
C LYS A 390 17.25 -0.55 14.05
N SER A 391 16.18 -0.01 14.61
CA SER A 391 16.13 0.24 16.04
C SER A 391 15.90 -1.08 16.79
N PRO A 392 16.22 -1.11 18.09
CA PRO A 392 15.91 -2.32 18.87
C PRO A 392 14.46 -2.74 18.80
N MET A 393 13.53 -1.78 18.82
CA MET A 393 12.10 -2.10 18.76
C MET A 393 11.77 -2.88 17.50
N GLU A 394 12.22 -2.39 16.35
CA GLU A 394 11.86 -3.04 15.08
C GLU A 394 12.62 -4.34 14.88
N MET A 395 13.85 -4.44 15.40
CA MET A 395 14.56 -5.71 15.34
C MET A 395 13.84 -6.78 16.13
N PHE A 396 13.43 -6.43 17.36
CA PHE A 396 12.59 -7.35 18.12
C PHE A 396 11.36 -7.74 17.31
N ALA A 397 10.69 -6.76 16.71
CA ALA A 397 9.44 -7.03 16.02
C ALA A 397 9.63 -7.98 14.83
N ILE A 398 10.63 -7.74 14.01
CA ILE A 398 10.82 -8.61 12.88
C ILE A 398 11.14 -10.02 13.34
N VAL A 399 11.88 -10.14 14.42
CA VAL A 399 12.31 -11.45 14.87
C VAL A 399 11.13 -12.20 15.46
N ALA A 400 10.30 -11.47 16.22
CA ALA A 400 9.15 -12.09 16.85
C ALA A 400 8.19 -12.65 15.82
N LYS A 401 7.98 -11.91 14.73
CA LYS A 401 6.97 -12.38 13.78
C LYS A 401 7.53 -13.34 12.73
N GLU A 402 8.76 -13.15 12.30
CA GLU A 402 9.36 -13.96 11.25
C GLU A 402 10.16 -15.15 11.75
N ILE A 403 10.50 -15.18 13.05
CA ILE A 403 11.28 -16.30 13.59
C ILE A 403 10.55 -16.94 14.75
N TRP A 404 10.30 -16.18 15.81
CA TRP A 404 9.67 -16.76 17.00
C TRP A 404 8.28 -17.31 16.66
N ALA A 405 7.43 -16.47 16.04
CA ALA A 405 6.08 -16.91 15.70
C ALA A 405 6.13 -18.09 14.74
N LYS A 406 7.01 -18.03 13.74
CA LYS A 406 7.15 -19.14 12.80
C LYS A 406 7.54 -20.42 13.52
N GLU A 407 8.48 -20.35 14.46
CA GLU A 407 8.89 -21.53 15.20
C GLU A 407 7.70 -22.16 15.93
N LYS A 408 6.84 -21.34 16.50
CA LYS A 408 5.67 -21.81 17.23
C LYS A 408 4.47 -22.06 16.32
N GLY A 409 4.67 -22.07 15.02
CA GLY A 409 3.61 -22.36 14.08
C GLY A 409 2.52 -21.32 14.00
N LEU A 410 2.88 -20.04 14.07
CA LEU A 410 1.93 -18.95 13.96
C LEU A 410 2.33 -18.05 12.80
N SER A 411 1.34 -17.68 11.98
CA SER A 411 1.56 -16.65 10.97
C SER A 411 1.68 -15.29 11.66
N ARG A 412 2.25 -14.32 10.93
CA ARG A 412 2.54 -13.04 11.55
C ARG A 412 1.27 -12.33 11.99
N ASP A 413 0.14 -12.60 11.33
CA ASP A 413 -1.13 -11.99 11.71
C ASP A 413 -1.77 -12.67 12.92
N GLU A 414 -1.26 -13.82 13.35
CA GLU A 414 -1.75 -14.49 14.54
C GLU A 414 -1.04 -14.05 15.81
N VAL A 415 -0.10 -13.10 15.71
CA VAL A 415 0.60 -12.55 16.85
C VAL A 415 0.39 -11.04 16.85
N THR A 416 0.01 -10.49 18.00
CA THR A 416 -0.15 -9.06 18.19
C THR A 416 1.01 -8.59 19.06
N SER A 417 1.93 -7.83 18.46
CA SER A 417 3.17 -7.42 19.12
C SER A 417 3.02 -5.96 19.53
N VAL A 418 3.01 -5.72 20.84
CA VAL A 418 2.75 -4.40 21.42
C VAL A 418 4.05 -3.90 22.06
N ALA A 419 4.43 -2.67 21.71
CA ALA A 419 5.64 -2.05 22.22
C ALA A 419 5.30 -1.00 23.27
N ILE A 420 5.94 -1.09 24.42
CA ILE A 420 5.77 -0.13 25.51
C ILE A 420 6.98 0.78 25.51
N MET A 421 6.78 2.05 25.17
CA MET A 421 7.86 2.98 24.85
C MET A 421 7.59 4.29 25.51
N PRO A 422 8.60 5.16 25.66
CA PRO A 422 8.45 6.40 26.41
C PRO A 422 8.08 7.63 25.58
N CYS A 423 7.71 7.49 24.31
CA CYS A 423 7.64 8.65 23.43
C CYS A 423 6.67 8.41 22.30
N ILE A 424 6.24 9.52 21.68
CA ILE A 424 5.43 9.44 20.46
C ILE A 424 6.27 9.11 19.23
N ALA A 425 7.58 9.40 19.27
CA ALA A 425 8.42 9.09 18.12
C ALA A 425 8.42 7.60 17.81
N LYS A 426 8.29 6.76 18.84
CA LYS A 426 8.19 5.33 18.59
C LYS A 426 6.85 4.96 17.99
N LYS A 427 5.78 5.69 18.35
CA LYS A 427 4.52 5.52 17.64
C LYS A 427 4.70 5.77 16.15
N TYR A 428 5.36 6.89 15.82
CA TYR A 428 5.59 7.20 14.41
C TYR A 428 6.44 6.13 13.74
N GLU A 429 7.47 5.64 14.43
CA GLU A 429 8.32 4.60 13.84
C GLU A 429 7.52 3.33 13.58
N ALA A 430 6.75 2.87 14.57
CA ALA A 430 5.94 1.67 14.39
C ALA A 430 4.91 1.86 13.29
N SER A 431 4.54 3.11 12.98
CA SER A 431 3.60 3.34 11.90
C SER A 431 4.25 3.33 10.51
N ARG A 432 5.58 3.34 10.43
CA ARG A 432 6.24 3.42 9.14
C ARG A 432 5.97 2.16 8.32
N ALA A 433 5.70 2.36 7.04
CA ALA A 433 5.35 1.24 6.16
C ALA A 433 6.53 0.33 5.87
N GLU A 434 7.77 0.83 5.97
CA GLU A 434 8.92 -0.03 5.75
C GLU A 434 8.95 -1.18 6.75
N PHE A 435 8.43 -0.96 7.96
CA PHE A 435 8.40 -1.98 9.00
C PHE A 435 7.04 -2.68 9.02
N SER A 436 6.72 -3.30 7.88
CA SER A 436 5.47 -4.04 7.72
C SER A 436 5.59 -4.90 6.47
N VAL A 437 4.71 -5.89 6.38
CA VAL A 437 4.56 -6.69 5.16
C VAL A 437 3.11 -7.12 5.06
N ASP A 438 2.55 -7.00 3.86
CA ASP A 438 1.18 -7.42 3.59
C ASP A 438 0.21 -6.86 4.62
N MET A 439 0.35 -5.56 4.88
CA MET A 439 -0.50 -4.81 5.79
C MET A 439 -0.35 -5.24 7.24
N ASN A 440 0.62 -6.08 7.56
CA ASN A 440 0.93 -6.44 8.93
C ASN A 440 2.14 -5.64 9.39
N TYR A 441 1.95 -4.79 10.39
CA TYR A 441 3.02 -3.96 10.92
C TYR A 441 3.79 -4.76 11.96
N ASP A 442 5.12 -4.76 11.84
CA ASP A 442 5.95 -5.54 12.75
C ASP A 442 5.60 -5.21 14.20
N VAL A 443 5.59 -3.92 14.52
CA VAL A 443 5.01 -3.45 15.77
C VAL A 443 3.56 -3.08 15.48
N ASP A 444 2.63 -3.87 16.03
CA ASP A 444 1.22 -3.61 15.77
C ASP A 444 0.82 -2.23 16.24
N TYR A 445 1.31 -1.82 17.41
CA TYR A 445 1.07 -0.46 17.90
C TYR A 445 1.90 -0.27 19.16
N VAL A 446 2.01 1.00 19.58
CA VAL A 446 2.81 1.40 20.72
C VAL A 446 1.88 1.92 21.82
N ILE A 447 2.21 1.58 23.06
CA ILE A 447 1.57 2.12 24.25
C ILE A 447 2.65 2.82 25.07
N THR A 448 2.39 4.06 25.48
CA THR A 448 3.38 4.80 26.24
C THR A 448 3.36 4.37 27.71
N THR A 449 4.41 4.78 28.44
CA THR A 449 4.46 4.51 29.87
C THR A 449 3.26 5.12 30.59
N ARG A 450 2.91 6.37 30.26
CA ARG A 450 1.75 7.00 30.88
C ARG A 450 0.48 6.21 30.60
N GLU A 451 0.29 5.80 29.34
CA GLU A 451 -0.92 5.07 28.99
C GLU A 451 -1.01 3.75 29.75
N LEU A 452 0.12 3.04 29.86
CA LEU A 452 0.13 1.80 30.64
C LEU A 452 -0.13 2.06 32.10
N ILE A 453 0.40 3.17 32.63
CA ILE A 453 0.13 3.53 34.02
C ILE A 453 -1.36 3.69 34.23
N LYS A 454 -2.03 4.40 33.33
CA LYS A 454 -3.47 4.61 33.47
C LYS A 454 -4.23 3.30 33.35
N ILE A 455 -3.79 2.42 32.44
CA ILE A 455 -4.44 1.12 32.33
C ILE A 455 -4.32 0.35 33.64
N PHE A 456 -3.12 0.33 34.22
CA PHE A 456 -2.91 -0.36 35.49
C PHE A 456 -3.79 0.25 36.58
N GLU A 457 -3.78 1.59 36.69
CA GLU A 457 -4.50 2.26 37.77
C GLU A 457 -6.00 1.98 37.68
N ASN A 458 -6.57 2.08 36.47
CA ASN A 458 -8.00 1.86 36.32
C ASN A 458 -8.37 0.39 36.42
N SER A 459 -7.41 -0.52 36.18
CA SER A 459 -7.65 -1.95 36.23
C SER A 459 -7.32 -2.57 37.58
N GLY A 460 -6.92 -1.78 38.57
CA GLY A 460 -6.64 -2.34 39.88
C GLY A 460 -5.30 -3.03 40.02
N ILE A 461 -4.38 -2.81 39.08
CA ILE A 461 -3.04 -3.39 39.16
C ILE A 461 -2.13 -2.38 39.86
N ASN A 462 -1.59 -2.76 41.01
CA ASN A 462 -0.71 -1.92 41.81
C ASN A 462 0.68 -2.53 41.78
N LEU A 463 1.61 -1.84 41.11
CA LEU A 463 2.95 -2.37 40.96
C LEU A 463 3.69 -2.47 42.29
N LYS A 464 3.34 -1.63 43.26
CA LYS A 464 4.02 -1.70 44.55
C LYS A 464 3.69 -3.00 45.29
N GLU A 465 2.48 -3.53 45.12
CA GLU A 465 2.01 -4.65 45.90
C GLU A 465 1.87 -5.95 45.11
N ILE A 466 2.04 -5.92 43.80
CA ILE A 466 1.91 -7.13 42.99
C ILE A 466 3.19 -7.96 43.10
N GLU A 467 3.03 -9.27 43.06
CA GLU A 467 4.16 -10.20 43.15
C GLU A 467 4.99 -10.18 41.87
N ASP A 468 6.31 -10.27 42.04
CA ASP A 468 7.24 -10.24 40.92
C ASP A 468 7.00 -11.43 39.99
N GLU A 469 7.21 -11.21 38.69
CA GLU A 469 7.22 -12.31 37.73
C GLU A 469 8.37 -12.09 36.76
N GLU A 470 8.85 -13.18 36.19
CA GLU A 470 9.98 -13.13 35.27
C GLU A 470 9.55 -12.73 33.86
N ILE A 471 10.44 -12.03 33.16
CA ILE A 471 10.31 -11.81 31.73
C ILE A 471 10.61 -13.12 30.99
N ASP A 472 9.92 -13.32 29.87
CA ASP A 472 10.15 -14.52 29.06
C ASP A 472 11.53 -14.47 28.43
N THR A 473 12.10 -15.65 28.21
CA THR A 473 13.55 -15.77 28.04
C THR A 473 14.02 -15.42 26.64
N VAL A 474 13.46 -16.06 25.62
CA VAL A 474 14.15 -16.13 24.32
C VAL A 474 14.39 -14.74 23.75
N MET A 475 13.52 -13.78 24.05
CA MET A 475 13.71 -12.41 23.57
C MET A 475 13.59 -11.42 24.71
N GLY A 476 13.93 -11.84 25.92
CA GLY A 476 13.86 -10.98 27.09
C GLY A 476 15.18 -10.81 27.81
N GLU A 477 16.06 -11.81 27.72
CA GLU A 477 17.37 -11.68 28.35
C GLU A 477 18.14 -10.54 27.71
N TYR A 478 18.90 -9.81 28.52
CA TYR A 478 19.62 -8.65 28.01
C TYR A 478 20.81 -8.36 28.90
N THR A 479 21.80 -7.68 28.33
CA THR A 479 23.01 -7.28 29.03
C THR A 479 22.93 -5.81 29.44
N GLY A 480 23.89 -5.39 30.27
CA GLY A 480 23.96 -3.99 30.67
C GLY A 480 24.22 -3.05 29.51
N ALA A 481 25.00 -3.51 28.53
CA ALA A 481 25.19 -2.72 27.32
C ALA A 481 23.85 -2.39 26.70
N GLY A 482 22.96 -3.38 26.61
CA GLY A 482 21.64 -3.11 26.07
C GLY A 482 20.82 -2.17 26.92
N ILE A 483 20.90 -2.32 28.25
CA ILE A 483 20.01 -1.54 29.11
C ILE A 483 20.40 -0.06 29.11
N ILE A 484 21.70 0.26 28.97
CA ILE A 484 22.06 1.67 29.06
C ILE A 484 21.59 2.43 27.82
N PHE A 485 20.99 1.72 26.87
CA PHE A 485 20.40 2.40 25.72
C PHE A 485 19.43 3.49 26.14
N GLY A 486 18.83 3.35 27.32
CA GLY A 486 17.74 4.21 27.74
C GLY A 486 18.13 5.59 28.22
N ARG A 487 19.42 5.87 28.34
CA ARG A 487 19.89 7.19 28.78
C ARG A 487 20.99 7.67 27.85
N THR A 488 21.20 8.99 27.86
CA THR A 488 22.11 9.62 26.92
C THR A 488 23.51 9.02 27.01
N GLY A 489 24.09 8.72 25.85
CA GLY A 489 25.42 8.17 25.76
C GLY A 489 25.49 6.66 25.80
N GLY A 490 24.36 5.98 26.06
CA GLY A 490 24.41 4.54 26.26
C GLY A 490 24.60 3.77 24.97
N VAL A 491 23.97 4.22 23.88
CA VAL A 491 24.05 3.46 22.63
C VAL A 491 25.50 3.38 22.15
N ILE A 492 26.17 4.53 22.08
CA ILE A 492 27.55 4.53 21.62
C ILE A 492 28.44 3.84 22.63
N GLU A 493 28.11 3.95 23.92
CA GLU A 493 28.90 3.23 24.92
C GLU A 493 28.85 1.72 24.69
N ALA A 494 27.66 1.18 24.43
CA ALA A 494 27.52 -0.25 24.21
C ALA A 494 28.25 -0.69 22.94
N ALA A 495 27.99 0.03 21.84
CA ALA A 495 28.66 -0.30 20.59
C ALA A 495 30.17 -0.24 20.75
N THR A 496 30.66 0.78 21.46
CA THR A 496 32.10 0.92 21.69
C THR A 496 32.63 -0.24 22.53
N ARG A 497 31.94 -0.59 23.62
CA ARG A 497 32.36 -1.74 24.40
C ARG A 497 32.68 -2.89 23.46
N THR A 498 31.68 -3.31 22.69
CA THR A 498 31.86 -4.50 21.86
C THR A 498 32.95 -4.28 20.81
N ALA A 499 32.92 -3.14 20.12
CA ALA A 499 33.82 -2.93 18.99
C ALA A 499 35.27 -2.82 19.45
N LEU A 500 35.52 -2.01 20.48
CA LEU A 500 36.89 -1.89 20.99
C LEU A 500 37.40 -3.22 21.53
N GLU A 501 36.56 -3.94 22.28
CA GLU A 501 37.02 -5.21 22.84
C GLU A 501 37.41 -6.17 21.72
N LYS A 502 36.66 -6.19 20.63
CA LYS A 502 36.99 -7.13 19.56
C LYS A 502 38.09 -6.61 18.64
N MET A 503 38.29 -5.29 18.56
CA MET A 503 39.38 -4.75 17.76
C MET A 503 40.72 -4.92 18.44
N THR A 504 40.75 -4.84 19.77
CA THR A 504 41.99 -5.01 20.51
C THR A 504 42.24 -6.45 20.89
N GLY A 505 41.20 -7.28 20.96
CA GLY A 505 41.32 -8.59 21.54
C GLY A 505 41.39 -8.59 23.04
N GLU A 506 41.32 -7.42 23.66
CA GLU A 506 41.46 -7.25 25.10
C GLU A 506 40.09 -7.09 25.75
N ARG A 507 39.90 -7.77 26.88
CA ARG A 507 38.75 -7.54 27.74
C ARG A 507 39.10 -6.44 28.75
N PHE A 508 38.29 -5.39 28.78
CA PHE A 508 38.58 -4.25 29.65
C PHE A 508 38.30 -4.59 31.10
N ASP A 509 39.21 -4.19 31.98
CA ASP A 509 38.98 -4.32 33.42
C ASP A 509 37.79 -3.47 33.84
N ASN A 510 37.73 -2.23 33.36
CA ASN A 510 36.65 -1.31 33.65
C ASN A 510 35.88 -1.06 32.36
N ILE A 511 34.69 -1.66 32.25
CA ILE A 511 33.89 -1.56 31.03
C ILE A 511 33.10 -0.26 30.94
N GLU A 512 33.04 0.52 32.00
CA GLU A 512 32.33 1.78 31.97
C GLU A 512 33.20 2.87 31.34
N PHE A 513 32.59 3.64 30.45
CA PHE A 513 33.27 4.73 29.75
C PHE A 513 32.68 6.04 30.28
N GLU A 514 33.28 6.55 31.35
CA GLU A 514 32.73 7.72 32.02
C GLU A 514 32.72 8.94 31.09
N GLY A 515 33.63 8.97 30.11
CA GLY A 515 33.62 10.07 29.16
C GLY A 515 32.31 10.18 28.41
N LEU A 516 31.70 9.04 28.08
CA LEU A 516 30.43 9.04 27.38
C LEU A 516 29.25 9.34 28.30
N ARG A 517 29.42 9.23 29.61
CA ARG A 517 28.38 9.63 30.55
C ARG A 517 28.44 11.15 30.71
N GLY A 518 27.76 11.67 31.72
CA GLY A 518 27.61 13.10 31.90
C GLY A 518 26.30 13.60 31.33
N TRP A 519 26.10 14.91 31.48
CA TRP A 519 24.80 15.51 31.18
C TRP A 519 24.87 16.73 30.28
N ASP A 520 26.06 17.17 29.89
CA ASP A 520 26.15 18.33 28.99
C ASP A 520 25.43 18.02 27.69
N GLY A 521 24.79 19.03 27.12
CA GLY A 521 24.05 18.83 25.89
C GLY A 521 24.91 18.29 24.78
N PHE A 522 26.14 18.81 24.65
CA PHE A 522 27.10 18.35 23.67
C PHE A 522 28.37 17.93 24.40
N ARG A 523 28.69 16.64 24.31
CA ARG A 523 29.82 16.05 25.02
C ARG A 523 30.80 15.49 24.00
N VAL A 524 32.09 15.67 24.27
CA VAL A 524 33.17 15.10 23.47
C VAL A 524 33.97 14.15 24.35
N CYS A 525 34.26 12.97 23.82
CA CYS A 525 35.00 11.94 24.55
C CYS A 525 36.11 11.41 23.65
N GLU A 526 37.22 11.02 24.28
CA GLU A 526 38.33 10.39 23.57
C GLU A 526 38.62 9.07 24.27
N LEU A 527 38.38 7.98 23.58
CA LEU A 527 38.56 6.63 24.11
C LEU A 527 39.82 6.03 23.52
N GLU A 528 40.69 5.53 24.40
CA GLU A 528 41.93 4.88 24.00
C GLU A 528 41.89 3.42 24.42
N ALA A 529 42.17 2.52 23.48
CA ALA A 529 42.22 1.10 23.79
C ALA A 529 43.22 0.45 22.85
N GLY A 530 44.32 -0.07 23.40
CA GLY A 530 45.36 -0.62 22.55
C GLY A 530 45.87 0.43 21.59
N ASP A 531 45.95 0.05 20.31
CA ASP A 531 46.37 0.98 19.27
C ASP A 531 45.23 1.84 18.75
N ILE A 532 44.02 1.68 19.28
CA ILE A 532 42.84 2.36 18.77
C ILE A 532 42.60 3.62 19.57
N LYS A 533 42.26 4.70 18.87
CA LYS A 533 41.89 5.97 19.46
C LYS A 533 40.65 6.47 18.75
N LEU A 534 39.56 6.66 19.51
CA LEU A 534 38.28 7.04 18.94
C LEU A 534 37.83 8.36 19.56
N ARG A 535 37.38 9.28 18.70
CA ARG A 535 36.81 10.55 19.13
C ARG A 535 35.30 10.47 18.96
N ILE A 536 34.56 10.67 20.04
CA ILE A 536 33.13 10.43 20.09
C ILE A 536 32.43 11.73 20.45
N GLY A 537 31.32 11.99 19.77
CA GLY A 537 30.46 13.10 20.10
C GLY A 537 29.07 12.63 20.50
N VAL A 538 28.53 13.18 21.58
CA VAL A 538 27.21 12.80 22.08
C VAL A 538 26.39 14.05 22.26
N ALA A 539 25.15 14.03 21.75
CA ALA A 539 24.23 15.14 21.93
C ALA A 539 22.87 14.62 22.37
N HIS A 540 22.28 15.27 23.37
CA HIS A 540 20.90 15.04 23.75
C HIS A 540 20.18 16.39 23.76
N GLY A 541 19.03 16.44 23.08
CA GLY A 541 18.42 17.70 22.73
C GLY A 541 18.81 18.08 21.31
N LEU A 542 17.83 18.21 20.42
CA LEU A 542 18.14 18.36 19.00
C LEU A 542 18.84 19.68 18.70
N ARG A 543 18.70 20.69 19.56
CA ARG A 543 19.50 21.90 19.39
C ARG A 543 20.98 21.61 19.61
N GLU A 544 21.29 20.84 20.65
CA GLU A 544 22.67 20.40 20.87
C GLU A 544 23.15 19.54 19.71
N ALA A 545 22.25 18.70 19.17
CA ALA A 545 22.61 17.90 18.00
C ALA A 545 22.97 18.79 16.83
N ALA A 546 22.21 19.87 16.61
CA ALA A 546 22.52 20.81 15.54
C ALA A 546 23.86 21.48 15.78
N LYS A 547 24.14 21.87 17.02
CA LYS A 547 25.45 22.44 17.34
C LYS A 547 26.56 21.48 16.93
N MET A 548 26.44 20.21 17.33
CA MET A 548 27.48 19.23 17.07
C MET A 548 27.63 18.96 15.57
N LEU A 549 26.52 18.84 14.85
CA LEU A 549 26.61 18.57 13.42
C LEU A 549 27.13 19.76 12.64
N ASP A 550 26.79 20.99 13.06
CA ASP A 550 27.40 22.17 12.47
C ASP A 550 28.90 22.16 12.68
N LYS A 551 29.34 21.79 13.89
CA LYS A 551 30.78 21.72 14.14
C LYS A 551 31.44 20.66 13.28
N ILE A 552 30.77 19.53 13.07
CA ILE A 552 31.31 18.51 12.17
C ILE A 552 31.43 19.06 10.76
N ARG A 553 30.38 19.71 10.27
CA ARG A 553 30.35 20.20 8.89
C ARG A 553 31.43 21.25 8.67
N SER A 554 31.60 22.19 9.61
CA SER A 554 32.64 23.19 9.47
C SER A 554 34.04 22.61 9.65
N GLY A 555 34.15 21.36 10.12
CA GLY A 555 35.44 20.80 10.44
C GLY A 555 36.05 21.31 11.73
N GLU A 556 35.28 22.07 12.52
CA GLU A 556 35.79 22.55 13.80
C GLU A 556 36.10 21.39 14.74
N GLU A 557 35.42 20.25 14.57
CA GLU A 557 35.75 19.03 15.31
C GLU A 557 35.54 17.83 14.42
N PHE A 558 36.30 16.76 14.72
CA PHE A 558 36.21 15.50 14.00
C PHE A 558 35.75 14.40 14.95
N PHE A 559 34.93 13.48 14.44
CA PHE A 559 34.43 12.38 15.24
C PHE A 559 34.51 11.09 14.46
N HIS A 560 34.76 9.99 15.18
CA HIS A 560 34.67 8.66 14.58
C HIS A 560 33.24 8.14 14.61
N ALA A 561 32.50 8.46 15.68
CA ALA A 561 31.13 8.01 15.86
C ALA A 561 30.41 9.03 16.74
N ILE A 562 29.09 9.13 16.54
CA ILE A 562 28.27 10.07 17.28
C ILE A 562 26.98 9.38 17.72
N GLU A 563 26.42 9.89 18.82
CA GLU A 563 25.09 9.52 19.27
C GLU A 563 24.23 10.78 19.36
N ILE A 564 23.00 10.70 18.87
CA ILE A 564 22.05 11.80 18.95
C ILE A 564 20.78 11.30 19.61
N MET A 565 20.35 11.96 20.68
CA MET A 565 19.09 11.71 21.35
C MET A 565 18.28 13.00 21.36
N ALA A 566 16.97 12.88 21.10
CA ALA A 566 16.13 14.08 21.02
C ALA A 566 15.76 14.61 22.41
N CYS A 567 15.63 13.73 23.40
CA CYS A 567 15.19 14.13 24.72
C CYS A 567 16.38 14.35 25.64
N VAL A 568 16.27 15.35 26.52
CA VAL A 568 17.30 15.59 27.51
C VAL A 568 17.39 14.38 28.43
N GLY A 569 18.60 13.84 28.56
CA GLY A 569 18.83 12.64 29.35
C GLY A 569 18.62 11.35 28.59
N GLY A 570 18.18 11.42 27.35
CA GLY A 570 17.83 10.23 26.60
C GLY A 570 16.41 9.76 26.86
N CYS A 571 16.20 8.46 26.63
CA CYS A 571 14.84 7.92 26.63
C CYS A 571 14.19 8.01 28.01
N ILE A 572 14.98 8.01 29.09
CA ILE A 572 14.38 8.16 30.41
C ILE A 572 13.66 9.50 30.52
N GLY A 573 13.96 10.45 29.64
CA GLY A 573 13.30 11.74 29.64
C GLY A 573 12.26 11.91 28.54
N GLY A 574 11.77 10.79 28.01
CA GLY A 574 10.82 10.87 26.92
C GLY A 574 9.50 11.48 27.35
N GLY A 575 8.80 12.06 26.37
CA GLY A 575 7.54 12.73 26.62
C GLY A 575 6.42 11.81 27.06
N GLY A 576 6.52 10.52 26.73
CA GLY A 576 5.55 9.55 27.17
C GLY A 576 5.78 9.00 28.55
N GLN A 577 6.85 9.42 29.22
CA GLN A 577 7.11 9.02 30.58
C GLN A 577 6.26 9.82 31.56
N PRO A 578 6.05 9.30 32.77
CA PRO A 578 5.34 10.08 33.78
C PRO A 578 6.06 11.39 34.06
N LYS A 579 5.28 12.45 34.33
CA LYS A 579 5.85 13.73 34.72
C LYS A 579 6.71 13.56 35.96
N THR A 580 7.88 14.19 35.95
CA THR A 580 8.80 14.08 37.07
C THR A 580 8.24 14.80 38.31
N LYS A 581 8.73 14.39 39.47
CA LYS A 581 8.39 15.01 40.74
C LYS A 581 9.62 15.69 41.31
N GLY A 582 9.44 16.92 41.80
CA GLY A 582 10.59 17.68 42.29
C GLY A 582 11.40 18.27 41.16
N ASN A 583 12.71 18.36 41.38
CA ASN A 583 13.62 18.84 40.35
C ASN A 583 13.58 17.89 39.15
N LYS A 584 13.26 18.44 37.98
CA LYS A 584 13.17 17.61 36.79
C LYS A 584 14.52 16.98 36.45
N GLN A 585 15.57 17.80 36.44
CA GLN A 585 16.90 17.30 36.06
C GLN A 585 17.38 16.24 37.02
N ALA A 586 17.17 16.45 38.32
CA ALA A 586 17.60 15.46 39.31
C ALA A 586 16.89 14.12 39.10
N ALA A 587 15.58 14.17 38.83
CA ALA A 587 14.83 12.93 38.61
C ALA A 587 15.30 12.22 37.35
N LEU A 588 15.53 12.97 36.26
CA LEU A 588 16.01 12.35 35.04
C LEU A 588 17.37 11.70 35.25
N GLN A 589 18.26 12.40 35.95
CA GLN A 589 19.58 11.83 36.26
C GLN A 589 19.44 10.58 37.14
N LYS A 590 18.48 10.60 38.07
CA LYS A 590 18.22 9.42 38.88
C LYS A 590 17.80 8.23 38.02
N ARG A 591 16.90 8.46 37.06
CA ARG A 591 16.50 7.38 36.16
C ARG A 591 17.69 6.85 35.37
N ALA A 592 18.50 7.77 34.83
CA ALA A 592 19.67 7.34 34.06
C ALA A 592 20.62 6.51 34.92
N GLU A 593 20.85 6.95 36.16
CA GLU A 593 21.72 6.18 37.04
C GLU A 593 21.09 4.85 37.43
N GLY A 594 19.76 4.78 37.46
CA GLY A 594 19.12 3.50 37.67
C GLY A 594 19.44 2.53 36.56
N LEU A 595 19.40 3.01 35.32
CA LEU A 595 19.83 2.16 34.21
C LEU A 595 21.30 1.78 34.33
N ASN A 596 22.15 2.73 34.73
CA ASN A 596 23.57 2.43 34.90
C ASN A 596 23.78 1.37 35.99
N ASN A 597 22.96 1.41 37.04
CA ASN A 597 23.09 0.45 38.13
C ASN A 597 22.57 -0.92 37.73
N ILE A 598 21.50 -0.95 36.91
CA ILE A 598 21.11 -2.22 36.31
C ILE A 598 22.28 -2.80 35.52
N ASP A 599 22.93 -1.96 34.71
CA ASP A 599 24.11 -2.39 33.95
C ASP A 599 25.16 -2.98 34.89
N ARG A 600 25.47 -2.28 35.97
CA ARG A 600 26.48 -2.77 36.90
C ARG A 600 26.05 -4.05 37.59
N SER A 601 24.74 -4.30 37.70
CA SER A 601 24.28 -5.50 38.37
C SER A 601 24.28 -6.73 37.47
N LYS A 602 24.54 -6.57 36.18
CA LYS A 602 24.49 -7.69 35.25
C LYS A 602 25.85 -8.39 35.16
N THR A 603 25.81 -9.72 35.12
CA THR A 603 27.01 -10.49 34.85
C THR A 603 27.57 -10.16 33.47
N LEU A 604 26.71 -10.12 32.47
CA LEU A 604 27.10 -9.79 31.11
C LEU A 604 26.87 -8.30 30.87
N ARG A 605 27.92 -7.60 30.45
CA ARG A 605 27.86 -6.17 30.22
C ARG A 605 28.34 -5.78 28.83
N ARG A 606 28.44 -6.77 27.93
CA ARG A 606 28.67 -6.52 26.52
C ARG A 606 27.60 -7.27 25.73
N SER A 607 27.02 -6.59 24.74
CA SER A 607 25.89 -7.16 24.02
C SER A 607 26.26 -8.49 23.36
N ASN A 608 27.50 -8.61 22.88
CA ASN A 608 27.92 -9.82 22.19
C ASN A 608 28.05 -11.04 23.09
N GLU A 609 27.76 -10.90 24.39
CA GLU A 609 27.73 -12.05 25.28
C GLU A 609 26.34 -12.68 25.40
N ASN A 610 25.31 -12.03 24.89
CA ASN A 610 23.94 -12.49 25.12
C ASN A 610 23.68 -13.81 24.40
N PRO A 611 23.40 -14.90 25.13
CA PRO A 611 23.25 -16.19 24.45
C PRO A 611 22.09 -16.27 23.46
N GLU A 612 20.97 -15.62 23.75
CA GLU A 612 19.81 -15.72 22.86
C GLU A 612 20.04 -14.96 21.57
N VAL A 613 20.71 -13.80 21.64
CA VAL A 613 21.10 -13.06 20.44
C VAL A 613 22.09 -13.87 19.61
N LEU A 614 23.08 -14.46 20.28
CA LEU A 614 24.03 -15.31 19.59
C LEU A 614 23.32 -16.48 18.93
N ALA A 615 22.28 -17.02 19.60
CA ALA A 615 21.50 -18.09 18.98
C ALA A 615 20.80 -17.61 17.73
N ILE A 616 20.30 -16.37 17.74
CA ILE A 616 19.73 -15.81 16.51
C ILE A 616 20.75 -15.90 15.38
N TYR A 617 21.99 -15.49 15.66
CA TYR A 617 22.99 -15.53 14.60
C TYR A 617 23.37 -16.95 14.22
N GLU A 618 23.47 -17.85 15.19
CA GLU A 618 23.93 -19.21 14.92
C GLU A 618 22.89 -20.00 14.15
N LYS A 619 21.61 -19.69 14.33
CA LYS A 619 20.55 -20.51 13.75
C LYS A 619 19.93 -19.91 12.50
N TYR A 620 19.89 -18.59 12.37
CA TYR A 620 19.18 -17.96 11.26
C TYR A 620 20.06 -17.06 10.40
N LEU A 621 20.78 -16.10 10.97
CA LEU A 621 21.46 -15.08 10.19
C LEU A 621 22.95 -15.33 10.01
N ASP A 622 23.52 -16.23 10.80
CA ASP A 622 24.85 -16.79 10.68
C ASP A 622 25.99 -15.86 11.07
N HIS A 623 25.79 -14.55 11.02
CA HIS A 623 26.76 -13.60 11.59
C HIS A 623 26.30 -12.18 11.32
N PRO A 624 26.77 -11.20 12.09
CA PRO A 624 26.39 -9.81 11.82
C PRO A 624 26.83 -9.34 10.44
N LEU A 625 25.99 -8.50 9.83
CA LEU A 625 26.20 -7.89 8.53
C LEU A 625 26.14 -8.89 7.39
N SER A 626 25.69 -10.11 7.63
CA SER A 626 25.44 -11.04 6.55
C SER A 626 24.26 -10.55 5.70
N ASN A 627 24.00 -11.28 4.61
CA ASN A 627 22.85 -10.96 3.77
C ASN A 627 21.55 -11.13 4.54
N LYS A 628 21.41 -12.25 5.26
CA LYS A 628 20.19 -12.49 6.02
C LYS A 628 20.01 -11.42 7.09
N ALA A 629 21.09 -11.06 7.78
CA ALA A 629 21.01 -10.03 8.81
C ALA A 629 20.62 -8.69 8.21
N HIS A 630 21.17 -8.36 7.03
CA HIS A 630 20.74 -7.13 6.36
C HIS A 630 19.26 -7.20 5.99
N GLU A 631 18.81 -8.35 5.49
CA GLU A 631 17.44 -8.49 5.03
C GLU A 631 16.46 -8.29 6.18
N LEU A 632 16.81 -8.78 7.36
CA LEU A 632 15.87 -8.66 8.48
C LEU A 632 16.13 -7.44 9.36
N LEU A 633 17.36 -7.20 9.76
CA LEU A 633 17.63 -6.27 10.84
C LEU A 633 18.08 -4.91 10.35
N HIS A 634 18.15 -4.69 9.04
CA HIS A 634 18.56 -3.42 8.49
C HIS A 634 17.45 -2.84 7.63
N THR A 635 17.49 -1.52 7.47
CA THR A 635 16.50 -0.79 6.70
C THR A 635 17.23 0.32 5.94
N VAL A 636 16.50 1.04 5.11
CA VAL A 636 17.04 2.15 4.35
C VAL A 636 16.35 3.40 4.85
N TYR A 637 16.99 4.11 5.79
CA TYR A 637 16.59 5.48 6.09
C TYR A 637 16.98 6.37 4.92
N PHE A 638 16.21 7.43 4.72
CA PHE A 638 16.48 8.31 3.58
C PHE A 638 16.44 7.51 2.29
N PRO A 639 15.32 6.87 1.94
CA PRO A 639 15.29 6.08 0.71
C PRO A 639 15.56 6.96 -0.50
N LEU B 13 2.05 -22.85 -26.29
CA LEU B 13 2.81 -21.87 -25.52
C LEU B 13 3.96 -21.29 -26.34
N GLY B 14 4.21 -20.00 -26.16
CA GLY B 14 5.30 -19.33 -26.85
C GLY B 14 5.75 -18.12 -26.07
N SER B 15 6.93 -17.63 -26.44
CA SER B 15 7.44 -16.40 -25.83
C SER B 15 8.64 -15.85 -26.57
N VAL B 16 8.58 -14.55 -26.92
CA VAL B 16 9.73 -13.83 -27.45
C VAL B 16 9.37 -12.35 -27.53
N PHE B 17 10.36 -11.47 -27.36
CA PHE B 17 10.08 -10.05 -27.53
C PHE B 17 10.03 -9.72 -29.02
N SER B 18 9.19 -8.74 -29.37
CA SER B 18 8.66 -8.56 -30.71
C SER B 18 7.61 -9.62 -31.01
N VAL B 19 7.42 -10.58 -30.10
CA VAL B 19 6.29 -11.50 -30.04
C VAL B 19 6.47 -12.73 -30.91
N PHE B 20 5.98 -13.86 -30.38
CA PHE B 20 5.64 -15.07 -31.10
C PHE B 20 4.75 -15.86 -30.14
N SER B 21 3.86 -16.68 -30.68
CA SER B 21 3.04 -17.59 -29.87
C SER B 21 3.15 -18.95 -30.55
N GLU B 22 4.16 -19.72 -30.16
CA GLU B 22 4.43 -21.04 -30.75
C GLU B 22 3.36 -22.02 -30.29
N GLU B 23 2.44 -22.34 -31.17
CA GLU B 23 1.34 -23.24 -30.83
C GLU B 23 1.55 -24.61 -31.46
N GLY B 31 13.54 -38.03 -27.66
CA GLY B 31 14.42 -38.39 -28.77
C GLY B 31 15.66 -37.51 -28.85
N ARG B 32 15.69 -36.66 -29.87
CA ARG B 32 16.76 -35.69 -30.08
C ARG B 32 16.14 -34.35 -30.48
N LYS B 33 15.07 -33.99 -29.81
CA LYS B 33 14.26 -32.82 -30.13
C LYS B 33 14.06 -31.96 -28.89
N ILE B 34 14.17 -30.65 -29.09
CA ILE B 34 13.98 -29.65 -28.05
C ILE B 34 12.96 -28.65 -28.59
N ALA B 35 12.47 -27.77 -27.72
CA ALA B 35 11.56 -26.71 -28.13
C ALA B 35 12.03 -25.40 -27.49
N ILE B 36 12.67 -24.55 -28.27
CA ILE B 36 13.18 -23.28 -27.78
C ILE B 36 12.14 -22.20 -28.03
N CYS B 37 11.74 -21.50 -26.97
CA CYS B 37 10.75 -20.43 -27.06
C CYS B 37 11.11 -19.27 -26.15
N GLY B 38 12.40 -19.04 -25.92
CA GLY B 38 12.82 -18.03 -24.98
C GLY B 38 12.99 -16.66 -25.61
N LYS B 39 14.17 -16.07 -25.43
CA LYS B 39 14.52 -14.83 -26.08
C LYS B 39 15.38 -15.07 -27.32
N VAL B 40 15.26 -16.23 -27.93
CA VAL B 40 15.96 -16.53 -29.18
C VAL B 40 15.06 -16.07 -30.33
N ASN B 41 15.66 -15.43 -31.33
CA ASN B 41 14.94 -15.16 -32.56
C ASN B 41 14.44 -16.47 -33.16
N ASN B 42 13.30 -16.40 -33.84
CA ASN B 42 12.78 -17.58 -34.50
C ASN B 42 12.55 -18.70 -33.48
N PRO B 43 11.53 -18.59 -32.63
CA PRO B 43 11.17 -19.72 -31.78
C PRO B 43 10.81 -20.93 -32.62
N GLY B 44 11.04 -22.12 -32.06
CA GLY B 44 10.70 -23.35 -32.75
C GLY B 44 11.21 -24.57 -32.01
N ILE B 45 11.11 -25.70 -32.68
CA ILE B 45 11.47 -26.99 -32.10
C ILE B 45 12.89 -27.39 -32.46
N ILE B 46 13.29 -27.21 -33.71
CA ILE B 46 14.60 -27.59 -34.23
C ILE B 46 15.12 -28.97 -33.83
N GLU B 47 15.91 -29.58 -34.70
CA GLU B 47 16.62 -30.83 -34.46
C GLU B 47 18.05 -30.46 -34.09
N VAL B 48 18.41 -30.66 -32.84
CA VAL B 48 19.68 -30.12 -32.33
C VAL B 48 20.82 -31.06 -32.73
N PRO B 49 21.89 -30.54 -33.34
CA PRO B 49 23.06 -31.38 -33.62
C PRO B 49 23.83 -31.73 -32.37
N GLU B 50 24.63 -32.78 -32.48
CA GLU B 50 25.37 -33.34 -31.34
C GLU B 50 26.81 -32.86 -31.29
N GLY B 51 27.13 -31.75 -31.94
CA GLY B 51 28.47 -31.21 -31.92
C GLY B 51 28.72 -30.30 -30.74
N ALA B 52 29.99 -30.19 -30.35
CA ALA B 52 30.38 -29.41 -29.18
C ALA B 52 30.08 -27.94 -29.40
N ASN B 55 28.47 -22.09 -26.88
CA ASN B 55 27.78 -20.81 -26.74
C ASN B 55 26.86 -20.57 -27.93
N GLU B 56 27.32 -20.94 -29.12
CA GLU B 56 26.58 -20.70 -30.35
C GLU B 56 25.34 -21.59 -30.50
N ILE B 57 24.85 -22.31 -29.50
CA ILE B 57 23.60 -23.04 -29.68
C ILE B 57 22.49 -22.06 -30.00
N ILE B 58 22.43 -20.95 -29.28
CA ILE B 58 21.44 -19.93 -29.61
C ILE B 58 21.56 -19.57 -31.09
N GLN B 59 22.79 -19.66 -31.62
CA GLN B 59 23.06 -19.22 -32.98
C GLN B 59 22.35 -20.15 -33.93
N LEU B 60 22.32 -21.42 -33.54
CA LEU B 60 21.55 -22.38 -34.29
C LEU B 60 20.07 -22.06 -34.24
N CYS B 61 19.61 -21.40 -33.18
CA CYS B 61 18.26 -20.85 -33.12
C CYS B 61 18.20 -19.40 -33.59
N GLY B 62 19.30 -18.87 -34.11
CA GLY B 62 19.32 -17.53 -34.66
C GLY B 62 19.71 -16.43 -33.70
N GLY B 63 20.43 -16.76 -32.63
CA GLY B 63 20.81 -15.76 -31.66
C GLY B 63 19.62 -15.34 -30.80
N LEU B 64 19.84 -14.27 -30.04
CA LEU B 64 18.84 -13.75 -29.13
C LEU B 64 18.27 -12.45 -29.69
N ILE B 65 17.04 -12.13 -29.30
CA ILE B 65 16.41 -10.92 -29.79
C ILE B 65 17.32 -9.73 -29.52
N ASN B 66 17.35 -8.80 -30.46
CA ASN B 66 18.35 -7.74 -30.44
C ASN B 66 19.69 -8.45 -30.42
N LYS B 67 20.62 -8.10 -29.52
CA LYS B 67 21.85 -8.85 -29.32
C LYS B 67 22.09 -9.03 -27.82
N SER B 68 21.01 -9.00 -27.04
CA SER B 68 21.14 -9.07 -25.59
C SER B 68 21.91 -10.31 -25.18
N ASN B 69 22.80 -10.15 -24.21
CA ASN B 69 23.62 -11.27 -23.76
C ASN B 69 22.75 -12.29 -23.04
N PHE B 70 23.24 -13.53 -23.00
CA PHE B 70 22.55 -14.62 -22.33
C PHE B 70 22.43 -14.38 -20.83
N LYS B 71 21.25 -14.69 -20.28
CA LYS B 71 21.00 -14.63 -18.86
C LYS B 71 20.83 -16.00 -18.24
N ALA B 72 19.95 -16.83 -18.80
CA ALA B 72 19.68 -18.14 -18.24
C ALA B 72 18.80 -18.92 -19.21
N ALA B 73 18.62 -20.20 -18.90
CA ALA B 73 17.80 -21.08 -19.73
C ALA B 73 17.12 -22.07 -18.82
N GLN B 74 15.79 -22.05 -18.80
CA GLN B 74 15.03 -23.02 -18.04
C GLN B 74 14.90 -24.30 -18.85
N ILE B 75 14.98 -25.44 -18.17
CA ILE B 75 14.83 -26.75 -18.79
C ILE B 75 13.55 -27.37 -18.26
N GLY B 76 12.62 -27.64 -19.15
CA GLY B 76 11.34 -28.20 -18.76
C GLY B 76 10.51 -27.09 -18.17
N LEU B 77 9.29 -26.91 -18.61
CA LEU B 77 8.53 -25.76 -18.14
C LEU B 77 7.99 -26.02 -16.74
N PRO B 78 7.31 -27.14 -16.50
CA PRO B 78 6.90 -27.43 -15.11
C PRO B 78 8.08 -27.55 -14.16
N PHE B 79 9.05 -28.41 -14.47
CA PHE B 79 10.24 -28.50 -13.62
C PHE B 79 11.32 -29.29 -14.34
N GLY B 80 12.55 -28.81 -14.19
CA GLY B 80 13.76 -29.42 -14.70
C GLY B 80 14.91 -28.67 -14.08
N GLY B 81 15.94 -28.34 -14.85
CA GLY B 81 17.05 -27.56 -14.34
C GLY B 81 16.97 -26.10 -14.76
N PHE B 82 17.81 -25.29 -14.11
CA PHE B 82 17.93 -23.86 -14.39
C PHE B 82 19.40 -23.58 -14.70
N LEU B 83 19.69 -23.25 -15.95
CA LEU B 83 21.06 -23.03 -16.40
C LEU B 83 21.37 -21.54 -16.43
N THR B 84 22.57 -21.19 -16.04
CA THR B 84 23.01 -19.80 -15.97
C THR B 84 24.24 -19.59 -16.85
N GLU B 85 24.85 -18.41 -16.72
CA GLU B 85 25.99 -18.06 -17.54
C GLU B 85 27.13 -19.06 -17.44
N ASP B 86 27.21 -19.80 -16.34
CA ASP B 86 28.35 -20.68 -16.10
C ASP B 86 28.49 -21.75 -17.18
N SER B 87 27.43 -22.03 -17.94
CA SER B 87 27.46 -23.04 -18.98
C SER B 87 27.72 -22.46 -20.37
N LEU B 88 28.04 -21.18 -20.46
CA LEU B 88 27.99 -20.48 -21.74
C LEU B 88 29.08 -20.83 -22.74
N ASP B 89 30.35 -20.53 -22.43
CA ASP B 89 31.43 -20.75 -23.38
C ASP B 89 32.16 -22.07 -23.14
N LYS B 90 31.56 -22.97 -22.37
CA LYS B 90 32.17 -24.22 -21.97
C LYS B 90 31.20 -25.35 -22.31
N GLU B 91 31.69 -26.58 -22.28
CA GLU B 91 30.88 -27.69 -22.75
C GLU B 91 29.48 -27.66 -22.15
N PHE B 92 28.47 -27.43 -23.00
CA PHE B 92 27.08 -27.50 -22.58
C PHE B 92 26.71 -28.99 -22.65
N ASP B 93 26.79 -29.67 -21.51
CA ASP B 93 26.52 -31.11 -21.50
C ASP B 93 25.10 -31.36 -21.96
N PHE B 94 24.96 -31.96 -23.15
CA PHE B 94 23.66 -32.20 -23.74
C PHE B 94 22.73 -32.90 -22.76
N GLY B 95 23.15 -34.07 -22.30
CA GLY B 95 22.31 -34.90 -21.45
C GLY B 95 21.94 -34.27 -20.13
N ILE B 96 22.64 -33.22 -19.70
CA ILE B 96 22.26 -32.57 -18.45
C ILE B 96 20.85 -32.00 -18.56
N PHE B 97 20.32 -31.80 -19.77
CA PHE B 97 18.87 -31.62 -19.89
C PHE B 97 18.34 -32.74 -19.02
N TYR B 98 17.72 -32.41 -17.88
CA TYR B 98 17.36 -33.46 -16.94
C TYR B 98 16.32 -34.39 -17.54
N GLU B 99 16.36 -35.66 -17.12
CA GLU B 99 15.52 -36.71 -17.70
C GLU B 99 14.11 -36.18 -17.94
N ASN B 100 13.64 -35.32 -17.03
CA ASN B 100 12.40 -34.58 -17.23
C ASN B 100 12.67 -33.30 -18.00
N ILE B 101 13.26 -33.47 -19.19
CA ILE B 101 13.56 -32.31 -20.03
C ILE B 101 12.28 -31.57 -20.38
N ALA B 102 11.18 -32.30 -20.60
CA ALA B 102 9.90 -31.77 -21.06
C ALA B 102 10.00 -31.32 -22.51
N ARG B 103 11.17 -31.43 -23.14
CA ARG B 103 11.39 -31.13 -24.55
C ARG B 103 11.17 -29.66 -24.89
N THR B 104 11.20 -28.78 -23.88
CA THR B 104 11.06 -27.34 -24.09
C THR B 104 12.17 -26.61 -23.35
N ILE B 105 12.57 -25.46 -23.91
CA ILE B 105 13.55 -24.57 -23.29
C ILE B 105 13.03 -23.15 -23.39
N ILE B 106 12.97 -22.45 -22.26
CA ILE B 106 12.75 -21.01 -22.24
C ILE B 106 14.11 -20.37 -21.96
N VAL B 107 14.68 -19.74 -22.97
CA VAL B 107 15.98 -19.08 -22.89
C VAL B 107 15.75 -17.64 -22.48
N LEU B 108 16.59 -17.14 -21.58
CA LEU B 108 16.49 -15.77 -21.09
C LEU B 108 17.67 -14.94 -21.57
N SER B 109 17.37 -13.71 -21.97
CA SER B 109 18.37 -12.71 -22.27
C SER B 109 18.39 -11.65 -21.16
N GLN B 110 19.31 -10.71 -21.27
CA GLN B 110 19.38 -9.62 -20.30
C GLN B 110 18.17 -8.69 -20.38
N GLU B 111 17.29 -8.89 -21.35
CA GLU B 111 16.07 -8.09 -21.49
C GLU B 111 14.90 -8.63 -20.67
N ASP B 112 15.05 -9.80 -20.06
CA ASP B 112 13.98 -10.43 -19.29
C ASP B 112 14.19 -10.20 -17.81
N CYS B 113 13.12 -9.77 -17.12
CA CYS B 113 13.17 -9.59 -15.67
C CYS B 113 13.06 -10.94 -14.97
N ILE B 114 13.93 -11.17 -13.99
CA ILE B 114 13.95 -12.44 -13.30
C ILE B 114 12.71 -12.61 -12.43
N ILE B 115 12.23 -11.51 -11.83
CA ILE B 115 11.03 -11.58 -11.01
C ILE B 115 9.84 -12.04 -11.84
N GLN B 116 9.64 -11.40 -12.99
CA GLN B 116 8.52 -11.77 -13.85
C GLN B 116 8.63 -13.21 -14.33
N PHE B 117 9.83 -13.61 -14.73
CA PHE B 117 9.98 -14.98 -15.22
C PHE B 117 9.65 -15.98 -14.12
N GLU B 118 10.13 -15.72 -12.90
CA GLU B 118 9.88 -16.67 -11.82
C GLU B 118 8.42 -16.66 -11.41
N LYS B 119 7.74 -15.51 -11.49
CA LYS B 119 6.30 -15.49 -11.29
C LYS B 119 5.60 -16.42 -12.28
N PHE B 120 5.99 -16.31 -13.56
CA PHE B 120 5.38 -17.17 -14.58
C PHE B 120 5.69 -18.63 -14.32
N TYR B 121 6.93 -18.94 -13.96
CA TYR B 121 7.32 -20.32 -13.66
C TYR B 121 6.50 -20.88 -12.52
N ILE B 122 6.38 -20.11 -11.44
CA ILE B 122 5.65 -20.57 -10.27
C ILE B 122 4.18 -20.76 -10.61
N GLU B 123 3.60 -19.86 -11.40
CA GLU B 123 2.20 -20.00 -11.75
C GLU B 123 1.96 -21.24 -12.62
N TYR B 124 2.87 -21.52 -13.56
CA TYR B 124 2.74 -22.74 -14.35
C TYR B 124 2.78 -23.97 -13.46
N LEU B 125 3.76 -24.01 -12.54
CA LEU B 125 3.86 -25.15 -11.65
C LEU B 125 2.60 -25.28 -10.79
N LEU B 126 2.09 -24.15 -10.29
CA LEU B 126 0.90 -24.19 -9.45
C LEU B 126 -0.31 -24.67 -10.23
N ALA B 127 -0.45 -24.26 -11.49
CA ALA B 127 -1.58 -24.73 -12.30
C ALA B 127 -1.50 -26.24 -12.48
N LYS B 128 -0.31 -26.76 -12.82
CA LYS B 128 -0.19 -28.19 -13.04
C LYS B 128 -0.33 -28.99 -11.74
N ILE B 129 0.02 -28.39 -10.60
CA ILE B 129 -0.33 -29.00 -9.33
C ILE B 129 -1.85 -29.02 -9.15
N LYS B 130 -2.47 -27.87 -9.40
CA LYS B 130 -3.89 -27.69 -9.12
C LYS B 130 -4.76 -28.59 -10.00
N ASP B 131 -4.25 -29.03 -11.14
CA ASP B 131 -5.02 -29.90 -12.02
C ASP B 131 -4.66 -31.38 -11.88
N GLY B 132 -3.83 -31.73 -10.90
CA GLY B 132 -3.55 -33.12 -10.63
C GLY B 132 -2.39 -33.71 -11.40
N SER B 133 -1.74 -32.93 -12.27
CA SER B 133 -0.68 -33.47 -13.12
C SER B 133 0.50 -33.95 -12.29
N TYR B 134 0.85 -33.22 -11.23
CA TYR B 134 1.95 -33.61 -10.35
C TYR B 134 1.46 -33.54 -8.91
N LYS B 135 0.80 -34.62 -8.47
CA LYS B 135 0.34 -34.68 -7.09
C LYS B 135 1.50 -34.84 -6.12
N ASN B 136 2.65 -35.33 -6.59
CA ASN B 136 3.80 -35.50 -5.70
C ASN B 136 4.27 -34.15 -5.16
N TYR B 137 3.86 -33.05 -5.78
CA TYR B 137 4.18 -31.71 -5.31
C TYR B 137 3.09 -31.12 -4.43
N GLU B 138 1.97 -31.82 -4.23
CA GLU B 138 0.89 -31.26 -3.44
C GLU B 138 1.37 -30.84 -2.06
N VAL B 139 2.31 -31.61 -1.48
CA VAL B 139 2.75 -31.33 -0.12
C VAL B 139 3.34 -29.93 -0.02
N VAL B 140 3.96 -29.45 -1.11
CA VAL B 140 4.59 -28.15 -1.09
C VAL B 140 3.71 -27.08 -1.72
N LYS B 141 2.50 -27.41 -2.13
CA LYS B 141 1.64 -26.46 -2.83
C LYS B 141 1.65 -25.10 -2.14
N GLU B 142 1.18 -25.06 -0.89
CA GLU B 142 1.09 -23.80 -0.18
C GLU B 142 2.42 -23.07 -0.19
N ASP B 143 3.51 -23.79 0.09
CA ASP B 143 4.82 -23.14 0.12
C ASP B 143 5.08 -22.39 -1.18
N ILE B 144 4.93 -23.07 -2.32
CA ILE B 144 5.19 -22.41 -3.59
C ILE B 144 4.26 -21.22 -3.75
N THR B 145 3.01 -21.36 -3.33
CA THR B 145 2.09 -20.25 -3.44
C THR B 145 2.64 -19.02 -2.72
N GLU B 146 3.17 -19.23 -1.51
CA GLU B 146 3.75 -18.11 -0.79
C GLU B 146 4.89 -17.49 -1.59
N MET B 147 5.71 -18.33 -2.22
CA MET B 147 6.77 -17.80 -3.10
C MET B 147 6.16 -16.86 -4.12
N PHE B 148 5.14 -17.32 -4.84
CA PHE B 148 4.50 -16.43 -5.81
C PHE B 148 4.09 -15.13 -5.15
N ASN B 149 3.42 -15.24 -4.00
CA ASN B 149 2.94 -14.03 -3.34
C ASN B 149 4.10 -13.09 -3.07
N ILE B 150 5.21 -13.63 -2.54
CA ILE B 150 6.39 -12.80 -2.31
C ILE B 150 6.80 -12.15 -3.61
N LEU B 151 6.97 -12.96 -4.67
CA LEU B 151 7.35 -12.41 -5.96
C LEU B 151 6.37 -11.33 -6.39
N ASN B 152 5.07 -11.58 -6.24
CA ASN B 152 4.08 -10.59 -6.65
C ASN B 152 4.30 -9.28 -5.90
N ARG B 153 4.50 -9.38 -4.58
CA ARG B 153 4.72 -8.16 -3.80
C ARG B 153 5.93 -7.40 -4.32
N ILE B 154 6.97 -8.12 -4.73
CA ILE B 154 8.16 -7.45 -5.25
C ILE B 154 7.84 -6.74 -6.56
N SER B 155 7.07 -7.40 -7.43
CA SER B 155 6.73 -6.80 -8.71
C SER B 155 5.79 -5.62 -8.55
N LYS B 156 5.05 -5.56 -7.45
CA LYS B 156 4.13 -4.47 -7.17
C LYS B 156 4.75 -3.36 -6.34
N GLY B 157 6.00 -3.54 -5.89
CA GLY B 157 6.67 -2.49 -5.16
C GLY B 157 6.21 -2.31 -3.72
N VAL B 158 5.78 -3.37 -3.06
CA VAL B 158 5.27 -3.27 -1.70
C VAL B 158 6.10 -4.10 -0.73
N SER B 159 7.40 -4.17 -0.97
CA SER B 159 8.25 -5.10 -0.24
C SER B 159 9.41 -4.39 0.47
N ASN B 160 9.98 -5.11 1.43
CA ASN B 160 11.28 -4.82 2.03
C ASN B 160 12.22 -5.96 1.69
N MET B 161 13.49 -5.81 2.09
CA MET B 161 14.48 -6.85 1.80
C MET B 161 14.16 -8.17 2.52
N ARG B 162 13.32 -8.13 3.54
CA ARG B 162 12.99 -9.36 4.25
C ARG B 162 12.45 -10.43 3.32
N GLU B 163 11.79 -10.02 2.22
CA GLU B 163 11.24 -11.00 1.30
C GLU B 163 12.29 -12.00 0.87
N ILE B 164 13.52 -11.54 0.61
CA ILE B 164 14.58 -12.47 0.22
C ILE B 164 14.75 -13.54 1.29
N TYR B 165 14.90 -13.12 2.55
CA TYR B 165 14.97 -14.07 3.65
C TYR B 165 13.84 -15.09 3.53
N LEU B 166 12.60 -14.60 3.44
CA LEU B 166 11.47 -15.51 3.35
C LEU B 166 11.65 -16.47 2.19
N LEU B 167 11.92 -15.93 1.01
CA LEU B 167 12.09 -16.78 -0.17
C LEU B 167 13.13 -17.86 0.10
N ARG B 168 14.28 -17.45 0.63
CA ARG B 168 15.35 -18.42 0.88
C ARG B 168 14.79 -19.59 1.68
N ASN B 169 14.14 -19.29 2.80
CA ASN B 169 13.64 -20.36 3.65
C ASN B 169 12.64 -21.21 2.90
N LEU B 170 11.72 -20.58 2.18
CA LEU B 170 10.77 -21.35 1.39
C LEU B 170 11.52 -22.26 0.43
N ALA B 171 12.51 -21.72 -0.28
CA ALA B 171 13.32 -22.55 -1.16
C ALA B 171 13.85 -23.73 -0.37
N VAL B 172 14.49 -23.44 0.76
CA VAL B 172 15.08 -24.50 1.58
C VAL B 172 14.01 -25.53 1.93
N THR B 173 12.82 -25.06 2.32
CA THR B 173 11.75 -26.00 2.65
C THR B 173 11.43 -26.90 1.47
N VAL B 174 11.19 -26.31 0.29
CA VAL B 174 10.73 -27.11 -0.84
C VAL B 174 11.78 -28.15 -1.20
N LYS B 175 13.04 -27.73 -1.31
CA LYS B 175 14.10 -28.65 -1.69
C LYS B 175 14.20 -29.82 -0.72
N SER B 176 13.73 -29.65 0.52
CA SER B 176 13.76 -30.75 1.47
C SER B 176 12.77 -31.84 1.05
N LYS B 177 11.53 -31.46 0.73
CA LYS B 177 10.52 -32.44 0.40
C LYS B 177 10.69 -32.98 -1.02
N MET B 178 11.21 -32.15 -1.94
CA MET B 178 11.46 -32.57 -3.32
C MET B 178 12.88 -33.11 -3.50
N ASN B 179 13.72 -33.07 -2.47
CA ASN B 179 14.94 -33.86 -2.47
C ASN B 179 15.90 -33.48 -3.58
N GLN B 180 15.89 -32.20 -3.96
CA GLN B 180 16.60 -31.73 -5.14
C GLN B 180 17.99 -31.20 -4.77
N LYS B 181 18.93 -31.41 -5.69
CA LYS B 181 20.30 -30.96 -5.50
C LYS B 181 20.50 -29.52 -5.97
N HIS B 182 19.66 -29.04 -6.88
CA HIS B 182 19.69 -27.65 -7.36
C HIS B 182 18.25 -27.16 -7.25
N ASN B 183 17.93 -26.37 -6.23
CA ASN B 183 16.61 -25.74 -6.14
C ASN B 183 16.65 -24.42 -6.89
N ILE B 184 15.68 -24.21 -7.78
CA ILE B 184 15.75 -23.07 -8.67
C ILE B 184 15.77 -21.76 -7.89
N MET B 185 14.92 -21.64 -6.87
CA MET B 185 14.81 -20.36 -6.15
C MET B 185 16.09 -20.03 -5.40
N GLU B 186 16.74 -21.05 -4.81
CA GLU B 186 18.00 -20.82 -4.14
C GLU B 186 19.04 -20.25 -5.11
N GLU B 187 19.13 -20.85 -6.30
CA GLU B 187 20.05 -20.35 -7.31
C GLU B 187 19.65 -18.98 -7.82
N ILE B 188 18.34 -18.70 -7.91
CA ILE B 188 17.88 -17.39 -8.34
C ILE B 188 18.38 -16.33 -7.35
N ILE B 189 18.23 -16.60 -6.06
CA ILE B 189 18.72 -15.68 -5.05
C ILE B 189 20.23 -15.52 -5.19
N ASP B 190 20.94 -16.65 -5.34
CA ASP B 190 22.40 -16.60 -5.39
C ASP B 190 22.89 -15.76 -6.58
N LYS B 191 22.31 -15.96 -7.75
CA LYS B 191 22.89 -15.43 -8.98
C LYS B 191 22.34 -14.05 -9.37
N PHE B 192 21.11 -13.73 -8.97
CA PHE B 192 20.47 -12.47 -9.33
C PHE B 192 20.08 -11.67 -8.10
N TYR B 193 20.86 -11.80 -7.03
CA TYR B 193 20.60 -11.02 -5.82
C TYR B 193 20.55 -9.52 -6.13
N GLU B 194 21.45 -9.03 -6.97
CA GLU B 194 21.50 -7.60 -7.23
C GLU B 194 20.22 -7.10 -7.88
N GLU B 195 19.68 -7.86 -8.83
CA GLU B 195 18.43 -7.45 -9.47
C GLU B 195 17.28 -7.41 -8.46
N ILE B 196 17.20 -8.42 -7.59
CA ILE B 196 16.12 -8.48 -6.61
C ILE B 196 16.23 -7.31 -5.64
N GLU B 197 17.45 -7.06 -5.14
CA GLU B 197 17.67 -5.93 -4.25
C GLU B 197 17.31 -4.63 -4.95
N GLU B 198 17.65 -4.51 -6.23
CA GLU B 198 17.26 -3.33 -6.99
C GLU B 198 15.75 -3.16 -6.98
N HIS B 199 15.03 -4.23 -7.33
CA HIS B 199 13.57 -4.16 -7.34
C HIS B 199 13.03 -3.67 -6.01
N ILE B 200 13.57 -4.20 -4.92
CA ILE B 200 12.98 -3.94 -3.61
C ILE B 200 13.37 -2.55 -3.10
N GLU B 201 14.66 -2.28 -3.02
CA GLU B 201 15.12 -1.04 -2.40
C GLU B 201 14.95 0.16 -3.31
N GLU B 202 15.25 0.01 -4.60
CA GLU B 202 15.15 1.12 -5.55
C GLU B 202 13.80 1.16 -6.27
N LYS B 203 12.93 0.19 -6.02
CA LYS B 203 11.63 0.12 -6.70
C LYS B 203 11.80 0.19 -8.21
N LYS B 204 12.85 -0.47 -8.72
CA LYS B 204 13.23 -0.35 -10.11
C LYS B 204 13.43 -1.74 -10.72
N CYS B 205 12.82 -1.95 -11.89
CA CYS B 205 12.98 -3.18 -12.68
C CYS B 205 13.79 -2.79 -13.92
N TYR B 206 15.08 -3.17 -13.92
CA TYR B 206 15.99 -2.62 -14.92
C TYR B 206 15.62 -3.03 -16.35
N THR B 207 14.84 -4.08 -16.52
CA THR B 207 14.33 -4.43 -17.85
C THR B 207 12.96 -3.83 -18.14
N SER B 208 12.32 -3.21 -17.15
CA SER B 208 11.03 -2.54 -17.32
C SER B 208 9.90 -3.52 -17.63
N GLN B 209 10.05 -4.78 -17.23
CA GLN B 209 8.97 -5.74 -17.38
C GLN B 209 7.92 -5.63 -16.28
N CYS B 210 8.29 -5.12 -15.11
CA CYS B 210 7.35 -4.92 -14.01
C CYS B 210 6.59 -3.62 -14.26
N ASN B 211 5.41 -3.71 -14.85
CA ASN B 211 4.69 -2.51 -15.27
C ASN B 211 4.38 -1.59 -14.09
N HIS B 212 4.29 -2.12 -12.87
CA HIS B 212 3.96 -1.31 -11.71
C HIS B 212 5.18 -0.62 -11.12
N LEU B 213 6.37 -0.85 -11.68
CA LEU B 213 7.57 -0.11 -11.32
C LEU B 213 8.04 0.80 -12.44
N VAL B 214 7.34 0.82 -13.58
CA VAL B 214 7.74 1.62 -14.73
C VAL B 214 7.02 2.96 -14.66
N LYS B 215 7.77 4.04 -14.85
CA LYS B 215 7.24 5.38 -15.02
C LYS B 215 7.65 5.89 -16.39
N LEU B 216 6.87 6.82 -16.95
CA LEU B 216 7.23 7.44 -18.21
C LEU B 216 8.54 8.20 -17.99
N THR B 217 9.62 7.74 -18.62
CA THR B 217 10.94 8.29 -18.36
C THR B 217 11.71 8.52 -19.65
N ILE B 218 12.51 9.59 -19.65
CA ILE B 218 13.48 9.85 -20.72
C ILE B 218 14.77 9.14 -20.37
N THR B 219 15.22 8.26 -21.25
CA THR B 219 16.36 7.40 -20.97
C THR B 219 17.66 8.04 -21.48
N LYS B 220 18.74 7.25 -21.48
CA LYS B 220 20.07 7.76 -21.77
C LYS B 220 20.27 8.06 -23.26
N LYS B 221 19.43 7.51 -24.12
CA LYS B 221 19.48 7.76 -25.56
C LYS B 221 18.98 9.16 -25.94
N CYS B 222 18.63 9.99 -24.95
CA CYS B 222 18.29 11.37 -25.24
C CYS B 222 19.49 12.11 -25.82
N ILE B 223 19.24 12.86 -26.90
CA ILE B 223 20.26 13.64 -27.59
C ILE B 223 20.11 15.12 -27.33
N GLY B 224 19.14 15.52 -26.52
CA GLY B 224 18.91 16.92 -26.22
C GLY B 224 18.40 17.74 -27.38
N CYS B 225 17.61 17.16 -28.27
CA CYS B 225 17.10 17.89 -29.42
C CYS B 225 15.96 18.85 -29.07
N GLY B 226 15.34 18.69 -27.90
CA GLY B 226 14.33 19.63 -27.46
C GLY B 226 12.96 19.47 -28.09
N ALA B 227 12.75 18.44 -28.91
CA ALA B 227 11.44 18.25 -29.51
C ALA B 227 10.36 18.05 -28.46
N CYS B 228 10.65 17.23 -27.44
CA CYS B 228 9.68 17.01 -26.38
C CYS B 228 9.30 18.31 -25.69
N LYS B 229 10.28 19.16 -25.40
CA LYS B 229 10.00 20.42 -24.72
C LYS B 229 9.01 21.26 -25.53
N ARG B 230 9.20 21.33 -26.84
CA ARG B 230 8.27 22.08 -27.68
C ARG B 230 6.91 21.41 -27.71
N ALA B 231 6.88 20.07 -27.74
CA ALA B 231 5.62 19.35 -27.92
C ALA B 231 4.76 19.34 -26.67
N CYS B 232 5.36 19.44 -25.49
CA CYS B 232 4.61 19.30 -24.26
C CYS B 232 3.60 20.44 -24.13
N PRO B 233 2.30 20.15 -24.00
CA PRO B 233 1.32 21.26 -23.90
C PRO B 233 1.37 21.98 -22.56
N VAL B 234 1.84 21.33 -21.50
CA VAL B 234 1.90 21.93 -20.18
C VAL B 234 3.30 22.33 -19.78
N ASP B 235 4.28 22.18 -20.67
CA ASP B 235 5.67 22.52 -20.40
C ASP B 235 6.20 21.71 -19.22
N CYS B 236 6.12 20.39 -19.36
CA CYS B 236 6.53 19.50 -18.30
C CYS B 236 8.03 19.27 -18.28
N ILE B 237 8.71 19.62 -19.36
CA ILE B 237 10.12 19.31 -19.47
C ILE B 237 11.03 20.54 -19.43
N ASN B 238 12.04 20.49 -18.57
CA ASN B 238 13.00 21.60 -18.46
C ASN B 238 14.32 21.00 -18.80
N GLY B 239 15.32 21.81 -19.19
CA GLY B 239 16.54 21.18 -19.61
C GLY B 239 16.84 22.05 -20.82
N GLU B 240 18.10 22.34 -21.08
CA GLU B 240 18.47 23.31 -22.11
C GLU B 240 19.57 22.71 -22.97
N LEU B 241 19.94 23.45 -24.02
CA LEU B 241 21.03 23.01 -24.88
C LEU B 241 20.74 21.58 -25.32
N LYS B 242 21.77 20.74 -25.39
CA LYS B 242 21.61 19.32 -25.65
C LYS B 242 21.63 18.51 -24.36
N LYS B 243 21.60 19.18 -23.21
CA LYS B 243 21.61 18.48 -21.93
C LYS B 243 20.41 17.55 -21.85
N LYS B 244 20.63 16.36 -21.29
CA LYS B 244 19.55 15.39 -21.17
C LYS B 244 18.31 16.06 -20.59
N HIS B 245 17.17 15.77 -21.18
CA HIS B 245 15.90 16.26 -20.69
C HIS B 245 15.23 15.23 -19.80
N GLU B 246 14.43 15.71 -18.86
CA GLU B 246 13.74 14.86 -17.91
C GLU B 246 12.31 15.38 -17.75
N ILE B 247 11.40 14.47 -17.43
CA ILE B 247 9.99 14.81 -17.28
C ILE B 247 9.72 15.12 -15.81
N ASP B 248 9.13 16.29 -15.56
CA ASP B 248 8.65 16.66 -14.24
C ASP B 248 7.34 15.92 -14.01
N TYR B 249 7.44 14.74 -13.40
CA TYR B 249 6.28 13.85 -13.27
C TYR B 249 5.14 14.50 -12.50
N ASN B 250 5.41 15.53 -11.70
CA ASN B 250 4.37 16.13 -10.89
C ASN B 250 3.32 16.85 -11.73
N ARG B 251 3.70 17.35 -12.92
CA ARG B 251 2.77 18.03 -13.80
C ARG B 251 2.43 17.23 -15.05
N CYS B 252 3.00 16.05 -15.22
CA CYS B 252 2.82 15.30 -16.45
C CYS B 252 1.40 14.78 -16.56
N THR B 253 0.75 15.06 -17.70
CA THR B 253 -0.60 14.59 -17.97
C THR B 253 -0.63 13.24 -18.67
N HIS B 254 0.53 12.69 -19.03
CA HIS B 254 0.63 11.41 -19.73
C HIS B 254 -0.09 11.44 -21.07
N CYS B 255 -0.19 12.62 -21.67
CA CYS B 255 -0.81 12.75 -22.99
C CYS B 255 -0.02 12.02 -24.07
N GLY B 256 1.27 11.78 -23.86
CA GLY B 256 2.06 11.01 -24.79
C GLY B 256 2.55 11.74 -26.01
N ALA B 257 2.47 13.07 -26.06
CA ALA B 257 3.00 13.80 -27.20
C ALA B 257 4.51 13.60 -27.32
N CYS B 258 5.22 13.64 -26.19
CA CYS B 258 6.67 13.50 -26.21
C CYS B 258 7.08 12.17 -26.81
N VAL B 259 6.42 11.08 -26.41
CA VAL B 259 6.80 9.76 -26.91
C VAL B 259 6.75 9.74 -28.43
N SER B 260 5.68 10.29 -29.01
CA SER B 260 5.55 10.31 -30.46
C SER B 260 6.57 11.26 -31.09
N ALA B 261 6.97 12.30 -30.36
CA ALA B 261 7.84 13.32 -30.95
C ALA B 261 9.35 12.98 -30.95
N CYS B 262 9.82 11.99 -30.22
CA CYS B 262 11.26 11.75 -30.11
C CYS B 262 11.94 11.27 -31.39
N PRO B 263 13.06 11.91 -31.78
CA PRO B 263 13.65 11.37 -33.00
C PRO B 263 14.15 9.97 -32.73
N VAL B 264 14.35 9.64 -31.46
CA VAL B 264 14.88 8.33 -31.06
C VAL B 264 13.86 7.64 -30.16
N ASP B 265 14.21 6.48 -29.59
CA ASP B 265 13.36 5.76 -28.65
C ASP B 265 13.74 6.09 -27.22
N ALA B 266 14.12 7.33 -26.96
CA ALA B 266 14.65 7.70 -25.66
C ALA B 266 13.60 7.72 -24.55
N ILE B 267 12.33 7.92 -24.89
CA ILE B 267 11.25 7.97 -23.91
C ILE B 267 10.53 6.62 -23.92
N SER B 268 10.53 5.94 -22.78
CA SER B 268 9.92 4.63 -22.63
C SER B 268 8.83 4.67 -21.58
N ALA B 269 7.71 3.99 -21.86
CA ALA B 269 6.61 3.88 -20.91
C ALA B 269 6.19 2.41 -20.75
N GLY B 270 7.12 1.49 -20.96
CA GLY B 270 6.85 0.07 -20.77
C GLY B 270 6.14 -0.56 -21.95
N ASP B 271 6.05 -1.89 -21.89
CA ASP B 271 5.38 -2.68 -22.92
C ASP B 271 5.01 -4.01 -22.28
N ASN B 272 3.72 -4.23 -22.06
CA ASN B 272 3.23 -5.40 -21.34
C ASN B 272 3.02 -6.61 -22.24
N THR B 273 3.63 -6.59 -23.43
CA THR B 273 3.42 -7.67 -24.38
C THR B 273 3.81 -9.02 -23.81
N MET B 274 4.99 -9.11 -23.22
CA MET B 274 5.47 -10.39 -22.70
C MET B 274 4.59 -10.88 -21.56
N LEU B 275 4.13 -9.97 -20.68
CA LEU B 275 3.21 -10.37 -19.62
C LEU B 275 1.94 -10.98 -20.21
N PHE B 276 1.40 -10.34 -21.25
CA PHE B 276 0.21 -10.85 -21.91
C PHE B 276 0.45 -12.25 -22.47
N LEU B 277 1.57 -12.45 -23.16
CA LEU B 277 1.86 -13.76 -23.72
C LEU B 277 2.02 -14.81 -22.63
N ARG B 278 2.74 -14.47 -21.56
CA ARG B 278 2.94 -15.42 -20.47
C ARG B 278 1.61 -15.80 -19.82
N ASP B 279 0.74 -14.82 -19.59
CA ASP B 279 -0.57 -15.12 -19.03
C ASP B 279 -1.37 -16.02 -19.96
N LEU B 280 -1.32 -15.74 -21.27
CA LEU B 280 -2.02 -16.59 -22.23
C LEU B 280 -1.47 -18.01 -22.22
N ALA B 281 -0.18 -18.18 -21.96
CA ALA B 281 0.44 -19.50 -21.93
C ALA B 281 0.28 -20.20 -20.58
N THR B 282 -0.26 -19.53 -19.58
CA THR B 282 -0.43 -20.17 -18.27
C THR B 282 -1.69 -21.04 -18.27
N PRO B 283 -1.58 -22.33 -18.00
CA PRO B 283 -2.77 -23.19 -18.07
C PRO B 283 -3.84 -22.80 -17.06
N ASN B 284 -5.10 -22.97 -17.47
CA ASN B 284 -6.26 -22.77 -16.61
C ASN B 284 -6.28 -21.37 -16.00
N LYS B 285 -5.73 -20.39 -16.70
CA LYS B 285 -5.80 -18.99 -16.29
C LYS B 285 -6.82 -18.28 -17.16
N VAL B 286 -7.81 -17.67 -16.54
CA VAL B 286 -8.87 -16.98 -17.27
C VAL B 286 -8.38 -15.60 -17.65
N VAL B 287 -8.27 -15.35 -18.95
CA VAL B 287 -7.87 -14.06 -19.49
C VAL B 287 -9.06 -13.49 -20.26
N ILE B 288 -9.45 -12.26 -19.92
CA ILE B 288 -10.53 -11.58 -20.60
C ILE B 288 -9.98 -10.25 -21.10
N THR B 289 -10.59 -9.72 -22.15
CA THR B 289 -10.15 -8.46 -22.72
C THR B 289 -11.31 -7.50 -22.84
N GLN B 290 -11.00 -6.21 -22.69
CA GLN B 290 -11.84 -5.12 -23.17
C GLN B 290 -11.05 -4.37 -24.23
N MET B 291 -11.74 -3.65 -25.10
CA MET B 291 -11.09 -2.89 -26.16
C MET B 291 -11.76 -1.54 -26.31
N ALA B 292 -10.95 -0.50 -26.47
CA ALA B 292 -11.46 0.85 -26.51
C ALA B 292 -12.23 1.09 -27.80
N PRO B 293 -13.25 1.96 -27.75
CA PRO B 293 -14.01 2.23 -28.98
C PRO B 293 -13.14 2.53 -30.20
N ALA B 294 -12.11 3.36 -30.05
CA ALA B 294 -11.35 3.86 -31.19
C ALA B 294 -10.38 2.84 -31.77
N VAL B 295 -10.10 1.75 -31.07
CA VAL B 295 -9.13 0.79 -31.58
C VAL B 295 -9.64 0.15 -32.88
N ARG B 296 -10.93 -0.16 -32.94
CA ARG B 296 -11.45 -1.01 -34.01
C ARG B 296 -11.43 -0.34 -35.37
N VAL B 297 -11.28 0.98 -35.43
CA VAL B 297 -11.28 1.70 -36.70
C VAL B 297 -9.87 2.08 -37.15
N ALA B 298 -8.85 1.63 -36.42
CA ALA B 298 -7.47 1.95 -36.81
C ALA B 298 -6.60 0.71 -36.95
N ILE B 299 -6.85 -0.30 -36.11
CA ILE B 299 -5.96 -1.47 -36.07
C ILE B 299 -5.91 -2.14 -37.43
N GLY B 300 -7.05 -2.23 -38.11
CA GLY B 300 -7.08 -2.89 -39.40
C GLY B 300 -6.17 -2.26 -40.43
N GLU B 301 -5.75 -1.02 -40.20
CA GLU B 301 -4.82 -0.38 -41.12
C GLU B 301 -3.54 -1.20 -41.27
N ALA B 302 -3.11 -1.88 -40.20
CA ALA B 302 -1.89 -2.67 -40.28
C ALA B 302 -2.05 -3.90 -41.16
N PHE B 303 -3.29 -4.24 -41.54
CA PHE B 303 -3.57 -5.45 -42.29
C PHE B 303 -4.26 -5.16 -43.62
N GLY B 304 -4.24 -3.90 -44.06
CA GLY B 304 -4.76 -3.54 -45.37
C GLY B 304 -6.15 -2.93 -45.38
N PHE B 305 -6.74 -2.67 -44.22
CA PHE B 305 -8.03 -2.01 -44.19
C PHE B 305 -7.87 -0.50 -44.31
N GLU B 306 -8.94 0.17 -44.73
CA GLU B 306 -8.96 1.62 -44.76
C GLU B 306 -9.18 2.17 -43.36
N PRO B 307 -8.70 3.38 -43.08
CA PRO B 307 -9.06 4.03 -41.80
C PRO B 307 -10.57 4.17 -41.70
N GLY B 308 -11.10 3.92 -40.50
CA GLY B 308 -12.53 3.98 -40.27
C GLY B 308 -13.27 2.67 -40.45
N GLU B 309 -12.65 1.67 -41.06
CA GLU B 309 -13.31 0.38 -41.22
C GLU B 309 -13.34 -0.35 -39.88
N ASN B 310 -14.53 -0.81 -39.49
CA ASN B 310 -14.71 -1.46 -38.20
C ASN B 310 -14.36 -2.94 -38.31
N VAL B 311 -13.32 -3.36 -37.60
CA VAL B 311 -12.84 -4.73 -37.68
C VAL B 311 -12.90 -5.40 -36.31
N GLU B 312 -13.87 -5.00 -35.49
CA GLU B 312 -13.94 -5.50 -34.12
C GLU B 312 -14.07 -7.02 -34.09
N LYS B 313 -14.81 -7.61 -35.03
CA LYS B 313 -14.98 -9.06 -35.04
C LYS B 313 -13.68 -9.77 -35.43
N LYS B 314 -12.90 -9.16 -36.32
CA LYS B 314 -11.57 -9.70 -36.61
C LYS B 314 -10.71 -9.68 -35.35
N ILE B 315 -10.77 -8.59 -34.58
CA ILE B 315 -10.01 -8.52 -33.34
C ILE B 315 -10.45 -9.61 -32.39
N ALA B 316 -11.76 -9.82 -32.27
CA ALA B 316 -12.27 -10.86 -31.38
C ALA B 316 -11.73 -12.22 -31.76
N ALA B 317 -11.81 -12.57 -33.05
CA ALA B 317 -11.32 -13.87 -33.49
C ALA B 317 -9.82 -14.00 -33.25
N GLY B 318 -9.06 -12.93 -33.53
CA GLY B 318 -7.62 -12.98 -33.31
C GLY B 318 -7.25 -13.15 -31.85
N LEU B 319 -7.93 -12.39 -30.98
CA LEU B 319 -7.66 -12.51 -29.56
C LEU B 319 -7.98 -13.91 -29.06
N ARG B 320 -9.10 -14.49 -29.53
CA ARG B 320 -9.41 -15.86 -29.14
C ARG B 320 -8.34 -16.83 -29.63
N LYS B 321 -7.83 -16.61 -30.85
CA LYS B 321 -6.76 -17.46 -31.35
C LYS B 321 -5.52 -17.35 -30.46
N LEU B 322 -5.22 -16.15 -29.98
CA LEU B 322 -4.09 -15.99 -29.07
C LEU B 322 -4.31 -16.73 -27.75
N GLY B 323 -5.57 -16.94 -27.37
CA GLY B 323 -5.87 -17.69 -26.16
C GLY B 323 -6.79 -16.97 -25.20
N VAL B 324 -7.25 -15.79 -25.58
CA VAL B 324 -8.17 -15.04 -24.73
C VAL B 324 -9.45 -15.85 -24.58
N ASP B 325 -9.91 -16.00 -23.34
CA ASP B 325 -11.07 -16.82 -23.04
C ASP B 325 -12.39 -16.07 -23.17
N TYR B 326 -12.39 -14.76 -22.96
CA TYR B 326 -13.60 -13.96 -23.11
C TYR B 326 -13.22 -12.61 -23.70
N VAL B 327 -13.92 -12.20 -24.74
CA VAL B 327 -13.69 -10.93 -25.42
C VAL B 327 -14.89 -10.03 -25.16
N PHE B 328 -14.66 -8.92 -24.49
CA PHE B 328 -15.69 -7.92 -24.22
C PHE B 328 -15.30 -6.61 -24.87
N ASP B 329 -16.06 -5.56 -24.58
CA ASP B 329 -15.94 -4.29 -25.28
C ASP B 329 -16.00 -3.16 -24.26
N THR B 330 -15.08 -2.20 -24.37
CA THR B 330 -15.11 -1.02 -23.52
C THR B 330 -16.33 -0.15 -23.79
N SER B 331 -16.93 -0.26 -24.98
CA SER B 331 -18.10 0.56 -25.29
C SER B 331 -19.28 0.23 -24.41
N TRP B 332 -19.38 -1.03 -23.95
CA TRP B 332 -20.36 -1.38 -22.93
C TRP B 332 -20.14 -0.56 -21.66
N GLY B 333 -18.89 -0.49 -21.21
CA GLY B 333 -18.57 0.35 -20.08
C GLY B 333 -18.83 1.81 -20.35
N ALA B 334 -18.72 2.22 -21.62
CA ALA B 334 -19.04 3.60 -21.97
C ALA B 334 -20.53 3.88 -21.84
N ASP B 335 -21.36 2.90 -22.21
CA ASP B 335 -22.79 3.04 -21.98
C ASP B 335 -23.12 3.18 -20.49
N LEU B 336 -22.47 2.37 -19.66
CA LEU B 336 -22.66 2.50 -18.21
C LEU B 336 -22.19 3.87 -17.71
N THR B 337 -21.03 4.31 -18.22
CA THR B 337 -20.53 5.63 -17.86
C THR B 337 -21.54 6.70 -18.23
N ILE B 338 -22.17 6.58 -19.40
CA ILE B 338 -23.16 7.58 -19.80
C ILE B 338 -24.35 7.54 -18.86
N MET B 339 -24.77 6.35 -18.45
CA MET B 339 -25.86 6.31 -17.47
C MET B 339 -25.52 7.20 -16.27
N GLU B 340 -24.32 7.02 -15.72
CA GLU B 340 -23.97 7.80 -14.54
C GLU B 340 -23.82 9.30 -14.87
N GLU B 341 -23.12 9.61 -15.96
CA GLU B 341 -22.78 11.00 -16.25
C GLU B 341 -23.99 11.80 -16.71
N ALA B 342 -24.87 11.18 -17.51
CA ALA B 342 -26.11 11.83 -17.88
C ALA B 342 -26.96 12.08 -16.64
N ALA B 343 -27.00 11.13 -15.71
CA ALA B 343 -27.73 11.38 -14.46
C ALA B 343 -27.17 12.60 -13.75
N GLU B 344 -25.85 12.66 -13.59
CA GLU B 344 -25.24 13.78 -12.87
C GLU B 344 -25.46 15.10 -13.59
N LEU B 345 -25.33 15.10 -14.92
CA LEU B 345 -25.57 16.33 -15.68
C LEU B 345 -26.99 16.82 -15.48
N GLN B 346 -27.96 15.90 -15.53
CA GLN B 346 -29.35 16.29 -15.29
C GLN B 346 -29.51 16.86 -13.88
N GLU B 347 -28.89 16.23 -12.90
CA GLU B 347 -29.00 16.71 -11.53
C GLU B 347 -28.44 18.13 -11.40
N ARG B 348 -27.27 18.35 -11.99
CA ARG B 348 -26.64 19.67 -11.91
C ARG B 348 -27.49 20.73 -12.61
N LEU B 349 -28.05 20.38 -13.77
CA LEU B 349 -28.90 21.33 -14.48
C LEU B 349 -30.15 21.66 -13.68
N GLU B 350 -30.78 20.65 -13.09
CA GLU B 350 -31.97 20.90 -12.29
C GLU B 350 -31.66 21.78 -11.09
N ARG B 351 -30.53 21.53 -10.43
CA ARG B 351 -30.14 22.38 -9.31
C ARG B 351 -29.83 23.81 -9.77
N HIS B 352 -29.15 23.95 -10.91
CA HIS B 352 -28.86 25.27 -11.44
C HIS B 352 -30.14 26.03 -11.73
N LEU B 353 -31.08 25.39 -12.42
CA LEU B 353 -32.35 26.02 -12.73
C LEU B 353 -33.17 26.29 -11.48
N ALA B 354 -32.93 25.55 -10.40
CA ALA B 354 -33.67 25.75 -9.16
C ALA B 354 -33.10 26.88 -8.31
N GLY B 355 -31.97 27.46 -8.69
CA GLY B 355 -31.37 28.53 -7.93
C GLY B 355 -30.40 28.10 -6.87
N ASP B 356 -29.97 26.83 -6.88
CA ASP B 356 -28.93 26.36 -5.98
C ASP B 356 -27.61 26.93 -6.46
N GLU B 357 -27.02 27.84 -5.70
CA GLU B 357 -25.73 28.41 -6.08
C GLU B 357 -24.55 27.55 -5.64
N SER B 358 -24.79 26.56 -4.78
CA SER B 358 -23.75 25.58 -4.46
C SER B 358 -23.27 24.81 -5.68
N VAL B 359 -24.15 24.63 -6.68
CA VAL B 359 -23.77 23.81 -7.82
C VAL B 359 -22.71 24.51 -8.66
N LYS B 360 -21.97 23.73 -9.44
CA LYS B 360 -20.89 24.23 -10.26
C LYS B 360 -21.09 23.80 -11.70
N LEU B 361 -20.97 24.75 -12.62
CA LEU B 361 -20.97 24.50 -14.05
C LEU B 361 -19.74 25.13 -14.67
N PRO B 362 -19.25 24.59 -15.80
CA PRO B 362 -19.83 23.44 -16.49
C PRO B 362 -19.54 22.12 -15.76
N ILE B 363 -20.18 21.03 -16.20
CA ILE B 363 -19.78 19.69 -15.83
C ILE B 363 -18.94 19.14 -16.98
N LEU B 364 -17.77 18.60 -16.65
CA LEU B 364 -16.89 17.99 -17.65
C LEU B 364 -17.17 16.50 -17.75
N THR B 365 -17.38 16.04 -18.98
CA THR B 365 -17.60 14.62 -19.28
C THR B 365 -16.53 14.18 -20.25
N SER B 366 -15.62 13.30 -19.80
CA SER B 366 -14.55 12.84 -20.67
C SER B 366 -13.83 11.67 -20.03
N CYS B 367 -13.56 10.65 -20.83
CA CYS B 367 -12.83 9.46 -20.39
C CYS B 367 -11.32 9.63 -20.44
N CYS B 368 -10.84 10.80 -20.84
CA CYS B 368 -9.41 11.02 -21.00
C CYS B 368 -8.78 11.31 -19.64
N PRO B 369 -7.82 10.50 -19.18
CA PRO B 369 -7.20 10.81 -17.88
C PRO B 369 -6.39 12.10 -17.89
N SER B 370 -5.93 12.54 -19.06
CA SER B 370 -4.99 13.64 -19.11
C SER B 370 -5.53 14.92 -18.50
N TRP B 371 -6.86 15.11 -18.48
CA TRP B 371 -7.37 16.36 -17.92
C TRP B 371 -7.14 16.42 -16.42
N ILE B 372 -7.08 15.27 -15.74
CA ILE B 372 -6.98 15.23 -14.29
C ILE B 372 -5.77 16.06 -13.86
N LYS B 373 -4.58 15.58 -14.19
CA LYS B 373 -3.37 16.32 -13.85
C LYS B 373 -3.40 17.71 -14.46
N PHE B 374 -3.99 17.83 -15.65
CA PHE B 374 -4.07 19.12 -16.32
C PHE B 374 -4.85 20.12 -15.48
N ILE B 375 -5.93 19.69 -14.85
CA ILE B 375 -6.76 20.62 -14.08
C ILE B 375 -6.15 20.89 -12.70
N GLU B 376 -5.74 19.82 -12.02
CA GLU B 376 -5.26 19.95 -10.65
C GLU B 376 -4.10 20.93 -10.57
N GLN B 377 -3.19 20.87 -11.54
CA GLN B 377 -2.01 21.71 -11.50
C GLN B 377 -2.22 23.10 -12.09
N ASN B 378 -3.32 23.33 -12.83
CA ASN B 378 -3.48 24.62 -13.48
C ASN B 378 -4.87 25.25 -13.35
N TYR B 379 -5.87 24.51 -12.90
CA TYR B 379 -7.23 25.02 -12.80
C TYR B 379 -7.85 24.57 -11.49
N GLY B 380 -7.12 24.80 -10.40
CA GLY B 380 -7.56 24.38 -9.08
C GLY B 380 -8.81 25.05 -8.58
N ASP B 381 -9.29 26.07 -9.29
CA ASP B 381 -10.60 26.64 -9.02
C ASP B 381 -11.72 25.86 -9.72
N MET B 382 -11.38 24.80 -10.44
CA MET B 382 -12.37 24.03 -11.20
C MET B 382 -12.32 22.55 -10.87
N LEU B 383 -11.99 22.21 -9.61
CA LEU B 383 -11.96 20.80 -9.24
C LEU B 383 -13.37 20.23 -9.10
N ASP B 384 -14.38 21.07 -8.91
CA ASP B 384 -15.76 20.62 -8.79
C ASP B 384 -16.45 20.49 -10.15
N VAL B 385 -15.76 20.80 -11.23
CA VAL B 385 -16.34 20.76 -12.58
C VAL B 385 -16.49 19.32 -13.05
N PRO B 386 -15.43 18.49 -13.01
CA PRO B 386 -15.54 17.16 -13.62
C PRO B 386 -16.57 16.28 -12.92
N SER B 387 -17.18 15.39 -13.70
CA SER B 387 -18.04 14.37 -13.13
C SER B 387 -17.22 13.41 -12.29
N SER B 388 -17.86 12.85 -11.25
CA SER B 388 -17.20 11.90 -10.39
C SER B 388 -17.17 10.48 -10.96
N ALA B 389 -17.77 10.27 -12.13
CA ALA B 389 -17.84 8.93 -12.69
C ALA B 389 -16.47 8.43 -13.14
N LYS B 390 -16.23 7.14 -12.94
CA LYS B 390 -15.03 6.53 -13.47
C LYS B 390 -15.08 6.53 -15.00
N SER B 391 -13.95 6.17 -15.61
CA SER B 391 -13.90 6.01 -17.05
C SER B 391 -14.57 4.71 -17.46
N PRO B 392 -14.96 4.60 -18.73
CA PRO B 392 -15.50 3.31 -19.22
C PRO B 392 -14.56 2.14 -18.96
N MET B 393 -13.25 2.34 -19.13
CA MET B 393 -12.30 1.24 -18.88
C MET B 393 -12.39 0.75 -17.44
N GLU B 394 -12.34 1.67 -16.48
CA GLU B 394 -12.34 1.25 -15.08
C GLU B 394 -13.71 0.78 -14.63
N MET B 395 -14.79 1.34 -15.20
CA MET B 395 -16.13 0.83 -14.89
C MET B 395 -16.27 -0.61 -15.36
N PHE B 396 -15.85 -0.88 -16.59
CA PHE B 396 -15.83 -2.26 -17.07
C PHE B 396 -15.01 -3.13 -16.13
N ALA B 397 -13.81 -2.69 -15.76
CA ALA B 397 -12.92 -3.53 -14.99
C ALA B 397 -13.52 -3.90 -13.64
N ILE B 398 -14.00 -2.90 -12.89
CA ILE B 398 -14.61 -3.16 -11.60
C ILE B 398 -15.81 -4.09 -11.77
N VAL B 399 -16.68 -3.83 -12.75
CA VAL B 399 -17.85 -4.68 -12.89
C VAL B 399 -17.43 -6.11 -13.20
N ALA B 400 -16.41 -6.26 -14.04
CA ALA B 400 -15.96 -7.59 -14.44
C ALA B 400 -15.45 -8.39 -13.25
N LYS B 401 -14.73 -7.74 -12.35
CA LYS B 401 -14.15 -8.50 -11.24
C LYS B 401 -15.10 -8.64 -10.06
N GLU B 402 -15.92 -7.64 -9.77
CA GLU B 402 -16.78 -7.68 -8.59
C GLU B 402 -18.18 -8.24 -8.89
N ILE B 403 -18.57 -8.37 -10.15
CA ILE B 403 -19.90 -8.90 -10.45
C ILE B 403 -19.79 -10.11 -11.37
N TRP B 404 -19.23 -9.92 -12.57
CA TRP B 404 -19.18 -11.01 -13.54
C TRP B 404 -18.37 -12.18 -13.00
N ALA B 405 -17.15 -11.93 -12.54
CA ALA B 405 -16.33 -13.01 -12.00
C ALA B 405 -17.00 -13.66 -10.80
N LYS B 406 -17.58 -12.85 -9.91
CA LYS B 406 -18.31 -13.41 -8.79
C LYS B 406 -19.46 -14.28 -9.27
N GLU B 407 -20.16 -13.83 -10.31
CA GLU B 407 -21.24 -14.63 -10.89
C GLU B 407 -20.72 -15.98 -11.34
N LYS B 408 -19.54 -16.02 -11.95
CA LYS B 408 -18.93 -17.24 -12.43
C LYS B 408 -18.12 -17.95 -11.37
N GLY B 409 -18.23 -17.51 -10.11
CA GLY B 409 -17.53 -18.17 -9.02
C GLY B 409 -16.02 -18.05 -9.06
N LEU B 410 -15.51 -16.88 -9.46
CA LEU B 410 -14.09 -16.62 -9.50
C LEU B 410 -13.76 -15.42 -8.64
N SER B 411 -12.73 -15.54 -7.80
CA SER B 411 -12.20 -14.38 -7.11
C SER B 411 -11.47 -13.47 -8.10
N ARG B 412 -11.25 -12.23 -7.68
CA ARG B 412 -10.73 -11.24 -8.61
C ARG B 412 -9.34 -11.59 -9.10
N ASP B 413 -8.55 -12.31 -8.30
CA ASP B 413 -7.21 -12.70 -8.72
C ASP B 413 -7.21 -13.88 -9.67
N GLU B 414 -8.34 -14.57 -9.81
CA GLU B 414 -8.45 -15.68 -10.76
C GLU B 414 -8.91 -15.21 -12.14
N VAL B 415 -9.10 -13.92 -12.33
CA VAL B 415 -9.44 -13.33 -13.63
C VAL B 415 -8.38 -12.29 -13.96
N THR B 416 -7.82 -12.38 -15.18
CA THR B 416 -6.85 -11.40 -15.67
C THR B 416 -7.54 -10.56 -16.73
N SER B 417 -7.77 -9.28 -16.41
CA SER B 417 -8.54 -8.38 -17.25
C SER B 417 -7.56 -7.46 -17.97
N VAL B 418 -7.48 -7.59 -19.29
CA VAL B 418 -6.53 -6.87 -20.12
C VAL B 418 -7.30 -5.86 -20.97
N ALA B 419 -6.85 -4.61 -20.95
CA ALA B 419 -7.49 -3.55 -21.70
C ALA B 419 -6.63 -3.20 -22.91
N ILE B 420 -7.24 -3.18 -24.08
CA ILE B 420 -6.57 -2.80 -25.32
C ILE B 420 -7.02 -1.38 -25.62
N MET B 421 -6.08 -0.45 -25.56
CA MET B 421 -6.39 0.97 -25.54
C MET B 421 -5.43 1.71 -26.47
N PRO B 422 -5.82 2.91 -26.90
CA PRO B 422 -5.01 3.62 -27.91
C PRO B 422 -4.00 4.56 -27.30
N CYS B 423 -3.71 4.43 -26.01
CA CYS B 423 -3.07 5.51 -25.29
C CYS B 423 -2.16 5.00 -24.19
N ILE B 424 -1.12 5.77 -23.90
CA ILE B 424 -0.28 5.49 -22.74
C ILE B 424 -0.96 6.02 -21.48
N ALA B 425 -1.80 7.05 -21.61
CA ALA B 425 -2.47 7.59 -20.43
C ALA B 425 -3.38 6.54 -19.78
N LYS B 426 -3.91 5.63 -20.59
CA LYS B 426 -4.74 4.56 -20.02
C LYS B 426 -3.88 3.55 -19.25
N LYS B 427 -2.63 3.34 -19.66
CA LYS B 427 -1.71 2.57 -18.84
C LYS B 427 -1.56 3.22 -17.47
N TYR B 428 -1.31 4.53 -17.44
CA TYR B 428 -1.16 5.26 -16.19
C TYR B 428 -2.41 5.18 -15.35
N GLU B 429 -3.59 5.29 -15.98
CA GLU B 429 -4.84 5.19 -15.25
C GLU B 429 -5.00 3.80 -14.63
N ALA B 430 -4.78 2.76 -15.43
CA ALA B 430 -4.89 1.39 -14.91
C ALA B 430 -3.88 1.12 -13.82
N SER B 431 -2.77 1.85 -13.78
CA SER B 431 -1.79 1.68 -12.72
C SER B 431 -2.15 2.43 -11.44
N ARG B 432 -3.14 3.32 -11.48
CA ARG B 432 -3.49 4.09 -10.29
C ARG B 432 -4.03 3.17 -9.21
N ALA B 433 -3.59 3.42 -7.97
CA ALA B 433 -3.95 2.54 -6.86
C ALA B 433 -5.42 2.65 -6.49
N GLU B 434 -6.08 3.78 -6.78
CA GLU B 434 -7.50 3.88 -6.49
C GLU B 434 -8.30 2.82 -7.23
N PHE B 435 -7.83 2.42 -8.40
CA PHE B 435 -8.49 1.39 -9.21
C PHE B 435 -7.86 0.02 -8.96
N SER B 436 -7.91 -0.38 -7.69
CA SER B 436 -7.39 -1.66 -7.25
C SER B 436 -7.93 -1.95 -5.87
N VAL B 437 -7.82 -3.21 -5.46
CA VAL B 437 -8.11 -3.61 -4.09
C VAL B 437 -7.20 -4.76 -3.73
N ASP B 438 -6.60 -4.69 -2.54
CA ASP B 438 -5.70 -5.74 -2.05
C ASP B 438 -4.63 -6.08 -3.09
N MET B 439 -4.05 -5.03 -3.67
CA MET B 439 -2.97 -5.11 -4.66
C MET B 439 -3.39 -5.84 -5.93
N ASN B 440 -4.68 -6.05 -6.13
CA ASN B 440 -5.22 -6.56 -7.38
C ASN B 440 -5.79 -5.37 -8.15
N TYR B 441 -5.21 -5.08 -9.31
CA TYR B 441 -5.64 -3.93 -10.09
C TYR B 441 -6.82 -4.32 -10.98
N ASP B 442 -7.87 -3.48 -10.95
CA ASP B 442 -9.07 -3.79 -11.72
C ASP B 442 -8.70 -4.07 -13.18
N VAL B 443 -7.93 -3.18 -13.79
CA VAL B 443 -7.28 -3.46 -15.07
C VAL B 443 -5.90 -4.00 -14.73
N ASP B 444 -5.68 -5.29 -14.99
CA ASP B 444 -4.39 -5.88 -14.67
C ASP B 444 -3.27 -5.19 -15.43
N TYR B 445 -3.49 -4.88 -16.70
CA TYR B 445 -2.53 -4.12 -17.48
C TYR B 445 -3.16 -3.76 -18.82
N VAL B 446 -2.49 -2.86 -19.54
CA VAL B 446 -2.97 -2.33 -20.81
C VAL B 446 -2.05 -2.79 -21.93
N ILE B 447 -2.64 -3.10 -23.09
CA ILE B 447 -1.92 -3.35 -24.33
C ILE B 447 -2.37 -2.31 -25.34
N THR B 448 -1.42 -1.64 -25.99
CA THR B 448 -1.82 -0.64 -26.96
C THR B 448 -2.18 -1.29 -28.30
N THR B 449 -2.80 -0.51 -29.18
CA THR B 449 -3.12 -1.00 -30.51
C THR B 449 -1.86 -1.41 -31.26
N ARG B 450 -0.79 -0.61 -31.18
CA ARG B 450 0.46 -0.96 -31.85
C ARG B 450 1.00 -2.29 -31.34
N GLU B 451 1.04 -2.44 -30.01
CA GLU B 451 1.58 -3.66 -29.43
C GLU B 451 0.77 -4.88 -29.85
N LEU B 452 -0.55 -4.76 -29.88
CA LEU B 452 -1.39 -5.86 -30.34
C LEU B 452 -1.15 -6.14 -31.81
N ILE B 453 -0.95 -5.10 -32.62
CA ILE B 453 -0.64 -5.30 -34.02
C ILE B 453 0.62 -6.15 -34.15
N LYS B 454 1.65 -5.81 -33.38
CA LYS B 454 2.90 -6.55 -33.46
C LYS B 454 2.71 -7.99 -32.99
N ILE B 455 1.89 -8.19 -31.95
CA ILE B 455 1.60 -9.55 -31.49
C ILE B 455 0.93 -10.36 -32.60
N PHE B 456 -0.08 -9.77 -33.25
CA PHE B 456 -0.75 -10.45 -34.35
C PHE B 456 0.22 -10.73 -35.49
N GLU B 457 1.04 -9.75 -35.86
CA GLU B 457 1.95 -9.90 -36.99
C GLU B 457 2.91 -11.05 -36.76
N ASN B 458 3.54 -11.09 -35.58
CA ASN B 458 4.54 -12.12 -35.31
C ASN B 458 3.93 -13.48 -35.02
N SER B 459 2.65 -13.55 -34.64
CA SER B 459 2.00 -14.82 -34.38
C SER B 459 1.28 -15.37 -35.60
N GLY B 460 1.38 -14.70 -36.74
CA GLY B 460 0.74 -15.18 -37.95
C GLY B 460 -0.74 -14.93 -38.05
N ILE B 461 -1.28 -14.04 -37.21
CA ILE B 461 -2.69 -13.69 -37.25
C ILE B 461 -2.86 -12.50 -38.17
N ASN B 462 -3.61 -12.68 -39.26
CA ASN B 462 -3.88 -11.62 -40.23
C ASN B 462 -5.36 -11.28 -40.13
N LEU B 463 -5.66 -10.07 -39.65
CA LEU B 463 -7.05 -9.68 -39.45
C LEU B 463 -7.80 -9.62 -40.77
N LYS B 464 -7.10 -9.40 -41.88
CA LYS B 464 -7.75 -9.37 -43.18
C LYS B 464 -8.29 -10.74 -43.58
N GLU B 465 -7.61 -11.81 -43.16
CA GLU B 465 -7.92 -13.15 -43.63
C GLU B 465 -8.59 -14.04 -42.59
N ILE B 466 -8.67 -13.61 -41.34
CA ILE B 466 -9.29 -14.41 -40.29
C ILE B 466 -10.81 -14.27 -40.35
N GLU B 467 -11.50 -15.36 -40.00
CA GLU B 467 -12.96 -15.35 -39.99
C GLU B 467 -13.49 -14.52 -38.84
N ASP B 468 -14.60 -13.82 -39.09
CA ASP B 468 -15.24 -13.01 -38.06
C ASP B 468 -15.68 -13.87 -36.89
N GLU B 469 -15.62 -13.30 -35.69
CA GLU B 469 -16.23 -13.90 -34.52
C GLU B 469 -16.94 -12.81 -33.73
N GLU B 470 -17.95 -13.22 -32.96
CA GLU B 470 -18.73 -12.27 -32.17
C GLU B 470 -18.01 -11.93 -30.87
N ILE B 471 -18.22 -10.69 -30.42
CA ILE B 471 -17.83 -10.31 -29.07
C ILE B 471 -18.82 -10.92 -28.08
N ASP B 472 -18.32 -11.24 -26.89
CA ASP B 472 -19.19 -11.81 -25.85
C ASP B 472 -20.17 -10.77 -25.35
N THR B 473 -21.35 -11.26 -24.94
CA THR B 473 -22.53 -10.41 -24.84
C THR B 473 -22.56 -9.57 -23.56
N VAL B 474 -22.42 -10.20 -22.39
CA VAL B 474 -22.88 -9.55 -21.16
C VAL B 474 -22.19 -8.23 -20.93
N MET B 475 -20.94 -8.09 -21.38
CA MET B 475 -20.22 -6.83 -21.25
C MET B 475 -19.62 -6.41 -22.58
N GLY B 476 -20.26 -6.80 -23.68
CA GLY B 476 -19.77 -6.44 -25.00
C GLY B 476 -20.76 -5.66 -25.83
N GLU B 477 -22.06 -5.85 -25.60
CA GLU B 477 -23.05 -5.09 -26.34
C GLU B 477 -22.91 -3.60 -26.04
N TYR B 478 -23.14 -2.77 -27.06
CA TYR B 478 -22.97 -1.34 -26.88
C TYR B 478 -23.84 -0.59 -27.89
N THR B 479 -24.15 0.65 -27.54
CA THR B 479 -24.94 1.53 -28.37
C THR B 479 -24.03 2.49 -29.15
N GLY B 480 -24.62 3.20 -30.11
CA GLY B 480 -23.85 4.19 -30.84
C GLY B 480 -23.37 5.33 -29.95
N ALA B 481 -24.15 5.67 -28.94
CA ALA B 481 -23.69 6.66 -27.96
C ALA B 481 -22.37 6.22 -27.35
N GLY B 482 -22.28 4.94 -26.99
CA GLY B 482 -21.03 4.44 -26.43
C GLY B 482 -19.88 4.46 -27.42
N ILE B 483 -20.16 4.10 -28.68
CA ILE B 483 -19.07 3.95 -29.63
C ILE B 483 -18.49 5.31 -30.02
N ILE B 484 -19.30 6.37 -30.06
CA ILE B 484 -18.76 7.65 -30.52
C ILE B 484 -17.79 8.24 -29.48
N PHE B 485 -17.65 7.56 -28.34
CA PHE B 485 -16.68 8.00 -27.34
C PHE B 485 -15.29 8.20 -27.94
N GLY B 486 -14.97 7.46 -29.00
CA GLY B 486 -13.61 7.38 -29.51
C GLY B 486 -13.12 8.58 -30.31
N ARG B 487 -13.98 9.56 -30.57
CA ARG B 487 -13.61 10.75 -31.32
C ARG B 487 -14.12 11.98 -30.60
N THR B 488 -13.50 13.12 -30.92
CA THR B 488 -13.77 14.36 -30.21
C THR B 488 -15.25 14.71 -30.27
N GLY B 489 -15.81 15.08 -29.11
CA GLY B 489 -17.20 15.45 -29.01
C GLY B 489 -18.16 14.31 -28.74
N GLY B 490 -17.69 13.07 -28.77
CA GLY B 490 -18.61 11.94 -28.66
C GLY B 490 -19.14 11.74 -27.25
N VAL B 491 -18.29 11.92 -26.25
CA VAL B 491 -18.71 11.66 -24.87
C VAL B 491 -19.87 12.59 -24.50
N ILE B 492 -19.67 13.89 -24.73
CA ILE B 492 -20.71 14.85 -24.37
C ILE B 492 -21.93 14.67 -25.25
N GLU B 493 -21.74 14.27 -26.52
CA GLU B 493 -22.89 14.00 -27.37
C GLU B 493 -23.74 12.87 -26.79
N ALA B 494 -23.11 11.79 -26.36
CA ALA B 494 -23.86 10.66 -25.80
C ALA B 494 -24.58 11.06 -24.53
N ALA B 495 -23.86 11.71 -23.61
CA ALA B 495 -24.47 12.15 -22.37
C ALA B 495 -25.64 13.08 -22.64
N THR B 496 -25.48 14.01 -23.59
CA THR B 496 -26.54 14.93 -23.94
C THR B 496 -27.74 14.20 -24.51
N ARG B 497 -27.50 13.29 -25.45
CA ARG B 497 -28.60 12.48 -26.00
C ARG B 497 -29.48 12.01 -24.85
N THR B 498 -28.88 11.25 -23.93
CA THR B 498 -29.68 10.65 -22.87
C THR B 498 -30.33 11.71 -21.99
N ALA B 499 -29.56 12.72 -21.59
CA ALA B 499 -30.05 13.68 -20.59
C ALA B 499 -31.17 14.55 -21.14
N LEU B 500 -30.98 15.12 -22.33
CA LEU B 500 -32.04 15.91 -22.94
C LEU B 500 -33.26 15.07 -23.23
N GLU B 501 -33.08 13.86 -23.75
CA GLU B 501 -34.24 13.05 -24.08
C GLU B 501 -35.09 12.76 -22.85
N LYS B 502 -34.46 12.47 -21.72
CA LYS B 502 -35.26 12.16 -20.53
C LYS B 502 -35.71 13.40 -19.79
N MET B 503 -35.04 14.55 -19.97
CA MET B 503 -35.51 15.78 -19.36
C MET B 503 -36.72 16.34 -20.09
N THR B 504 -36.78 16.16 -21.41
CA THR B 504 -37.89 16.65 -22.21
C THR B 504 -39.03 15.64 -22.31
N GLY B 505 -38.74 14.36 -22.10
CA GLY B 505 -39.70 13.32 -22.39
C GLY B 505 -39.86 13.01 -23.86
N GLU B 506 -39.12 13.68 -24.73
CA GLU B 506 -39.24 13.52 -26.17
C GLU B 506 -38.10 12.65 -26.69
N ARG B 507 -38.42 11.76 -27.62
CA ARG B 507 -37.42 11.05 -28.40
C ARG B 507 -37.10 11.87 -29.64
N PHE B 508 -35.82 12.19 -29.83
CA PHE B 508 -35.43 13.05 -30.93
C PHE B 508 -35.53 12.31 -32.26
N ASP B 509 -36.10 12.99 -33.26
CA ASP B 509 -36.12 12.43 -34.60
C ASP B 509 -34.70 12.27 -35.13
N ASN B 510 -33.86 13.29 -34.94
CA ASN B 510 -32.46 13.27 -35.34
C ASN B 510 -31.62 13.28 -34.08
N ILE B 511 -31.05 12.12 -33.72
CA ILE B 511 -30.28 12.00 -32.48
C ILE B 511 -28.86 12.51 -32.61
N GLU B 512 -28.40 12.81 -33.82
CA GLU B 512 -27.06 13.33 -34.03
C GLU B 512 -27.03 14.84 -33.80
N PHE B 513 -26.00 15.29 -33.09
CA PHE B 513 -25.80 16.71 -32.79
C PHE B 513 -24.55 17.17 -33.55
N GLU B 514 -24.76 17.64 -34.78
CA GLU B 514 -23.62 17.98 -35.63
C GLU B 514 -22.79 19.10 -35.01
N GLY B 515 -23.40 19.94 -34.18
CA GLY B 515 -22.64 20.99 -33.53
C GLY B 515 -21.50 20.45 -32.68
N LEU B 516 -21.73 19.31 -32.03
CA LEU B 516 -20.68 18.68 -31.22
C LEU B 516 -19.64 17.96 -32.07
N ARG B 517 -19.96 17.70 -33.34
CA ARG B 517 -19.00 17.14 -34.28
C ARG B 517 -18.17 18.29 -34.85
N GLY B 518 -17.42 18.05 -35.91
CA GLY B 518 -16.48 19.02 -36.42
C GLY B 518 -15.07 18.76 -35.90
N TRP B 519 -14.15 19.62 -36.33
CA TRP B 519 -12.74 19.38 -36.11
C TRP B 519 -11.99 20.57 -35.50
N ASP B 520 -12.65 21.69 -35.26
CA ASP B 520 -11.97 22.82 -34.65
C ASP B 520 -11.43 22.44 -33.27
N GLY B 521 -10.27 22.98 -32.93
CA GLY B 521 -9.67 22.65 -31.64
C GLY B 521 -10.57 23.01 -30.47
N PHE B 522 -11.21 24.18 -30.54
CA PHE B 522 -12.14 24.65 -29.53
C PHE B 522 -13.46 24.94 -30.22
N ARG B 523 -14.50 24.19 -29.85
CA ARG B 523 -15.81 24.26 -30.47
C ARG B 523 -16.86 24.66 -29.43
N VAL B 524 -17.80 25.50 -29.85
CA VAL B 524 -18.93 25.90 -29.03
C VAL B 524 -20.22 25.46 -29.72
N CYS B 525 -21.13 24.89 -28.94
CA CYS B 525 -22.40 24.39 -29.44
C CYS B 525 -23.52 24.86 -28.54
N GLU B 526 -24.69 25.09 -29.15
CA GLU B 526 -25.89 25.46 -28.40
C GLU B 526 -26.99 24.49 -28.81
N LEU B 527 -27.43 23.66 -27.88
CA LEU B 527 -28.45 22.65 -28.13
C LEU B 527 -29.76 23.07 -27.48
N GLU B 528 -30.83 23.06 -28.26
CA GLU B 528 -32.17 23.39 -27.80
C GLU B 528 -33.06 22.16 -27.91
N ALA B 529 -33.74 21.81 -26.83
CA ALA B 529 -34.67 20.69 -26.80
C ALA B 529 -35.78 21.03 -25.83
N GLY B 530 -37.00 21.16 -26.33
CA GLY B 530 -38.09 21.60 -25.47
C GLY B 530 -37.76 22.96 -24.88
N ASP B 531 -37.95 23.08 -23.57
CA ASP B 531 -37.63 24.32 -22.87
C ASP B 531 -36.17 24.42 -22.46
N ILE B 532 -35.35 23.43 -22.83
CA ILE B 532 -33.96 23.33 -22.37
C ILE B 532 -33.05 23.91 -23.43
N LYS B 533 -32.07 24.70 -22.99
CA LYS B 533 -31.03 25.26 -23.84
C LYS B 533 -29.71 25.08 -23.13
N LEU B 534 -28.79 24.36 -23.76
CA LEU B 534 -27.50 24.02 -23.18
C LEU B 534 -26.37 24.55 -24.05
N ARG B 535 -25.38 25.16 -23.41
CA ARG B 535 -24.18 25.62 -24.10
C ARG B 535 -23.04 24.67 -23.77
N ILE B 536 -22.42 24.13 -24.81
CA ILE B 536 -21.45 23.03 -24.70
C ILE B 536 -20.12 23.51 -25.28
N GLY B 537 -19.04 23.15 -24.61
CA GLY B 537 -17.70 23.42 -25.11
C GLY B 537 -16.93 22.13 -25.31
N VAL B 538 -16.24 22.02 -26.44
CA VAL B 538 -15.47 20.83 -26.77
C VAL B 538 -14.05 21.25 -27.13
N ALA B 539 -13.06 20.59 -26.55
CA ALA B 539 -11.67 20.84 -26.89
C ALA B 539 -10.97 19.50 -27.08
N HIS B 540 -10.19 19.39 -28.17
CA HIS B 540 -9.28 18.27 -28.37
C HIS B 540 -7.90 18.86 -28.65
N GLY B 541 -6.90 18.38 -27.90
CA GLY B 541 -5.62 19.06 -27.83
C GLY B 541 -5.60 19.95 -26.60
N LEU B 542 -4.68 19.68 -25.67
CA LEU B 542 -4.76 20.32 -24.36
C LEU B 542 -4.49 21.83 -24.41
N ARG B 543 -3.83 22.34 -25.45
CA ARG B 543 -3.69 23.79 -25.58
C ARG B 543 -5.04 24.45 -25.87
N GLU B 544 -5.83 23.85 -26.76
CA GLU B 544 -7.19 24.34 -26.98
C GLU B 544 -8.01 24.21 -25.71
N ALA B 545 -7.76 23.14 -24.94
CA ALA B 545 -8.42 22.99 -23.64
C ALA B 545 -8.04 24.14 -22.72
N ALA B 546 -6.77 24.54 -22.74
CA ALA B 546 -6.34 25.67 -21.93
C ALA B 546 -7.04 26.94 -22.36
N LYS B 547 -7.18 27.16 -23.67
CA LYS B 547 -7.94 28.31 -24.15
C LYS B 547 -9.36 28.30 -23.59
N MET B 548 -10.03 27.15 -23.70
CA MET B 548 -11.43 27.08 -23.27
C MET B 548 -11.56 27.28 -21.75
N LEU B 549 -10.65 26.70 -20.97
CA LEU B 549 -10.75 26.84 -19.52
C LEU B 549 -10.39 28.26 -19.09
N ASP B 550 -9.43 28.89 -19.77
CA ASP B 550 -9.17 30.31 -19.50
C ASP B 550 -10.40 31.15 -19.79
N LYS B 551 -11.09 30.85 -20.89
CA LYS B 551 -12.31 31.60 -21.20
C LYS B 551 -13.38 31.38 -20.15
N ILE B 552 -13.51 30.16 -19.64
CA ILE B 552 -14.48 29.90 -18.58
C ILE B 552 -14.12 30.70 -17.34
N ARG B 553 -12.85 30.68 -16.93
CA ARG B 553 -12.46 31.36 -15.71
C ARG B 553 -12.65 32.87 -15.84
N SER B 554 -12.27 33.44 -16.98
CA SER B 554 -12.42 34.87 -17.21
C SER B 554 -13.87 35.28 -17.38
N GLY B 555 -14.78 34.33 -17.55
CA GLY B 555 -16.16 34.65 -17.84
C GLY B 555 -16.40 35.13 -19.25
N GLU B 556 -15.39 35.04 -20.12
CA GLU B 556 -15.60 35.43 -21.51
C GLU B 556 -16.66 34.55 -22.16
N GLU B 557 -16.81 33.32 -21.67
CA GLU B 557 -17.88 32.44 -22.12
C GLU B 557 -18.38 31.60 -20.95
N PHE B 558 -19.65 31.18 -21.04
CA PHE B 558 -20.27 30.33 -20.05
C PHE B 558 -20.63 29.00 -20.71
N PHE B 559 -20.48 27.91 -19.96
CA PHE B 559 -20.81 26.59 -20.47
C PHE B 559 -21.61 25.81 -19.44
N HIS B 560 -22.53 24.98 -19.94
CA HIS B 560 -23.23 24.02 -19.11
C HIS B 560 -22.44 22.73 -18.95
N ALA B 561 -21.73 22.32 -20.00
CA ALA B 561 -20.93 21.10 -19.99
C ALA B 561 -19.78 21.27 -20.97
N ILE B 562 -18.68 20.57 -20.70
CA ILE B 562 -17.50 20.62 -21.54
C ILE B 562 -16.97 19.20 -21.73
N GLU B 563 -16.31 18.99 -22.86
CA GLU B 563 -15.53 17.78 -23.12
C GLU B 563 -14.10 18.19 -23.43
N ILE B 564 -13.14 17.50 -22.83
CA ILE B 564 -11.72 17.73 -23.08
C ILE B 564 -11.09 16.41 -23.51
N MET B 565 -10.44 16.44 -24.67
CA MET B 565 -9.66 15.31 -25.18
C MET B 565 -8.24 15.77 -25.36
N ALA B 566 -7.28 14.92 -25.00
CA ALA B 566 -5.87 15.32 -25.08
C ALA B 566 -5.33 15.23 -26.50
N CYS B 567 -5.80 14.28 -27.29
CA CYS B 567 -5.29 14.05 -28.63
C CYS B 567 -6.18 14.71 -29.67
N VAL B 568 -5.54 15.18 -30.76
CA VAL B 568 -6.29 15.73 -31.88
C VAL B 568 -7.18 14.63 -32.44
N GLY B 569 -8.47 14.93 -32.55
CA GLY B 569 -9.45 13.97 -33.03
C GLY B 569 -10.00 13.07 -31.96
N GLY B 570 -9.51 13.17 -30.73
CA GLY B 570 -9.93 12.24 -29.70
C GLY B 570 -9.10 10.96 -29.73
N CYS B 571 -9.71 9.89 -29.21
CA CYS B 571 -8.98 8.65 -29.00
C CYS B 571 -8.53 8.02 -30.32
N ILE B 572 -9.26 8.26 -31.41
CA ILE B 572 -8.82 7.71 -32.69
C ILE B 572 -7.44 8.23 -33.07
N GLY B 573 -7.01 9.34 -32.45
CA GLY B 573 -5.70 9.89 -32.71
C GLY B 573 -4.71 9.63 -31.60
N GLY B 574 -4.96 8.61 -30.79
CA GLY B 574 -4.10 8.34 -29.66
C GLY B 574 -2.71 7.90 -30.09
N GLY B 575 -1.73 8.16 -29.21
CA GLY B 575 -0.36 7.84 -29.51
C GLY B 575 -0.09 6.36 -29.61
N GLY B 576 -0.93 5.53 -28.99
CA GLY B 576 -0.81 4.10 -29.09
C GLY B 576 -1.44 3.49 -30.32
N GLN B 577 -2.08 4.30 -31.16
CA GLN B 577 -2.63 3.82 -32.40
C GLN B 577 -1.53 3.71 -33.46
N PRO B 578 -1.75 2.91 -34.50
CA PRO B 578 -0.76 2.86 -35.58
C PRO B 578 -0.53 4.24 -36.17
N LYS B 579 0.71 4.50 -36.57
CA LYS B 579 1.01 5.75 -37.25
C LYS B 579 0.12 5.88 -38.48
N THR B 580 -0.43 7.07 -38.69
CA THR B 580 -1.32 7.24 -39.82
C THR B 580 -0.54 7.11 -41.13
N LYS B 581 -1.26 6.75 -42.18
CA LYS B 581 -0.72 6.66 -43.54
C LYS B 581 -1.38 7.71 -44.41
N GLY B 582 -0.56 8.41 -45.20
CA GLY B 582 -1.07 9.48 -46.03
C GLY B 582 -1.30 10.76 -45.24
N ASN B 583 -2.29 11.53 -45.67
CA ASN B 583 -2.66 12.76 -44.97
C ASN B 583 -3.14 12.45 -43.56
N LYS B 584 -2.48 13.05 -42.57
CA LYS B 584 -2.83 12.76 -41.18
C LYS B 584 -4.25 13.20 -40.84
N GLN B 585 -4.61 14.44 -41.19
CA GLN B 585 -5.93 14.95 -40.82
C GLN B 585 -7.02 14.12 -41.47
N ALA B 586 -6.85 13.78 -42.75
CA ALA B 586 -7.84 12.97 -43.44
C ALA B 586 -8.00 11.62 -42.77
N ALA B 587 -6.89 10.97 -42.41
CA ALA B 587 -6.97 9.66 -41.77
C ALA B 587 -7.68 9.73 -40.42
N LEU B 588 -7.35 10.74 -39.61
CA LEU B 588 -8.00 10.87 -38.31
C LEU B 588 -9.49 11.12 -38.47
N GLN B 589 -9.87 12.01 -39.39
CA GLN B 589 -11.28 12.28 -39.64
C GLN B 589 -11.98 11.03 -40.16
N LYS B 590 -11.28 10.25 -40.99
CA LYS B 590 -11.80 9.00 -41.49
C LYS B 590 -12.13 8.03 -40.34
N ARG B 591 -11.21 7.89 -39.39
CA ARG B 591 -11.48 7.02 -38.25
C ARG B 591 -12.66 7.52 -37.44
N ALA B 592 -12.71 8.83 -37.20
CA ALA B 592 -13.82 9.41 -36.44
C ALA B 592 -15.15 9.15 -37.15
N GLU B 593 -15.19 9.33 -38.46
CA GLU B 593 -16.41 9.06 -39.21
C GLU B 593 -16.73 7.58 -39.25
N GLY B 594 -15.72 6.72 -39.16
CA GLY B 594 -15.99 5.30 -39.01
C GLY B 594 -16.73 5.02 -37.73
N LEU B 595 -16.32 5.66 -36.64
CA LEU B 595 -17.08 5.54 -35.39
C LEU B 595 -18.49 6.10 -35.55
N ASN B 596 -18.62 7.25 -36.22
CA ASN B 596 -19.94 7.83 -36.44
C ASN B 596 -20.83 6.91 -37.28
N ASN B 597 -20.23 6.19 -38.24
CA ASN B 597 -21.00 5.29 -39.08
C ASN B 597 -21.39 4.04 -38.31
N ILE B 598 -20.51 3.55 -37.43
CA ILE B 598 -20.91 2.49 -36.52
C ILE B 598 -22.14 2.93 -35.73
N ASP B 599 -22.08 4.16 -35.19
CA ASP B 599 -23.22 4.71 -34.44
C ASP B 599 -24.48 4.71 -35.30
N ARG B 600 -24.38 5.21 -36.53
CA ARG B 600 -25.56 5.27 -37.39
C ARG B 600 -26.08 3.88 -37.73
N SER B 601 -25.22 2.87 -37.71
CA SER B 601 -25.66 1.51 -38.02
C SER B 601 -26.28 0.78 -36.84
N LYS B 602 -26.26 1.37 -35.64
CA LYS B 602 -26.79 0.69 -34.46
C LYS B 602 -28.29 0.95 -34.34
N THR B 603 -29.04 -0.10 -34.00
CA THR B 603 -30.44 0.08 -33.64
C THR B 603 -30.56 0.98 -32.42
N LEU B 604 -29.73 0.74 -31.40
CA LEU B 604 -29.73 1.52 -30.18
C LEU B 604 -28.68 2.62 -30.28
N ARG B 605 -29.10 3.87 -30.08
CA ARG B 605 -28.18 5.00 -30.18
C ARG B 605 -28.24 5.89 -28.94
N ARG B 606 -28.81 5.41 -27.84
CA ARG B 606 -28.74 6.05 -26.54
C ARG B 606 -28.26 5.03 -25.52
N SER B 607 -27.32 5.43 -24.68
CA SER B 607 -26.69 4.48 -23.77
C SER B 607 -27.73 3.83 -22.87
N ASN B 608 -28.75 4.58 -22.47
CA ASN B 608 -29.78 4.05 -21.56
C ASN B 608 -30.68 3.01 -22.21
N GLU B 609 -30.46 2.64 -23.48
CA GLU B 609 -31.20 1.56 -24.09
C GLU B 609 -30.51 0.21 -23.98
N ASN B 610 -29.25 0.17 -23.57
CA ASN B 610 -28.48 -1.08 -23.59
C ASN B 610 -29.04 -2.05 -22.56
N PRO B 611 -29.57 -3.20 -22.97
CA PRO B 611 -30.18 -4.12 -21.99
C PRO B 611 -29.20 -4.64 -20.94
N GLU B 612 -27.93 -4.85 -21.29
CA GLU B 612 -26.99 -5.42 -20.34
C GLU B 612 -26.63 -4.42 -19.24
N VAL B 613 -26.47 -3.14 -19.61
CA VAL B 613 -26.25 -2.10 -18.60
C VAL B 613 -27.48 -1.96 -17.71
N LEU B 614 -28.66 -1.97 -18.32
CA LEU B 614 -29.88 -1.93 -17.53
C LEU B 614 -29.95 -3.10 -16.56
N ALA B 615 -29.46 -4.27 -16.99
CA ALA B 615 -29.42 -5.42 -16.09
C ALA B 615 -28.49 -5.15 -14.93
N ILE B 616 -27.36 -4.49 -15.19
CA ILE B 616 -26.48 -4.09 -14.10
C ILE B 616 -27.26 -3.29 -13.06
N TYR B 617 -28.03 -2.30 -13.52
CA TYR B 617 -28.76 -1.47 -12.57
C TYR B 617 -29.89 -2.24 -11.88
N GLU B 618 -30.60 -3.09 -12.63
CA GLU B 618 -31.75 -3.76 -12.05
C GLU B 618 -31.35 -4.80 -11.02
N LYS B 619 -30.17 -5.40 -11.17
CA LYS B 619 -29.80 -6.52 -10.30
C LYS B 619 -28.81 -6.14 -9.21
N TYR B 620 -27.96 -5.15 -9.43
CA TYR B 620 -26.92 -4.83 -8.45
C TYR B 620 -26.98 -3.42 -7.91
N LEU B 621 -27.00 -2.39 -8.78
CA LEU B 621 -26.82 -1.01 -8.33
C LEU B 621 -28.13 -0.23 -8.17
N ASP B 622 -29.20 -0.76 -8.73
CA ASP B 622 -30.58 -0.32 -8.55
C ASP B 622 -30.97 0.99 -9.23
N HIS B 623 -30.02 1.87 -9.50
CA HIS B 623 -30.26 3.03 -10.35
C HIS B 623 -29.01 3.91 -10.40
N PRO B 624 -28.85 4.73 -11.44
CA PRO B 624 -27.68 5.63 -11.48
C PRO B 624 -27.66 6.59 -10.30
N LEU B 625 -26.45 6.89 -9.84
CA LEU B 625 -26.18 7.79 -8.73
C LEU B 625 -26.67 7.25 -7.40
N SER B 626 -27.06 5.97 -7.33
CA SER B 626 -27.35 5.35 -6.06
C SER B 626 -26.08 5.24 -5.22
N ASN B 627 -26.24 4.79 -3.98
CA ASN B 627 -25.07 4.57 -3.13
C ASN B 627 -24.19 3.47 -3.71
N LYS B 628 -24.79 2.35 -4.14
CA LYS B 628 -24.01 1.27 -4.72
C LYS B 628 -23.31 1.72 -5.99
N ALA B 629 -24.03 2.48 -6.83
CA ALA B 629 -23.45 2.96 -8.07
C ALA B 629 -22.27 3.87 -7.79
N HIS B 630 -22.38 4.75 -6.79
CA HIS B 630 -21.23 5.56 -6.41
C HIS B 630 -20.08 4.69 -5.91
N GLU B 631 -20.39 3.68 -5.11
CA GLU B 631 -19.36 2.88 -4.50
C GLU B 631 -18.54 2.13 -5.54
N LEU B 632 -19.19 1.65 -6.59
CA LEU B 632 -18.46 0.87 -7.60
C LEU B 632 -17.98 1.73 -8.78
N LEU B 633 -18.84 2.59 -9.31
CA LEU B 633 -18.60 3.24 -10.59
C LEU B 633 -18.10 4.68 -10.48
N HIS B 634 -17.95 5.20 -9.27
CA HIS B 634 -17.45 6.55 -9.08
C HIS B 634 -16.16 6.53 -8.27
N THR B 635 -15.37 7.59 -8.42
CA THR B 635 -14.09 7.71 -7.76
C THR B 635 -13.91 9.16 -7.33
N VAL B 636 -12.82 9.44 -6.63
CA VAL B 636 -12.51 10.77 -6.15
C VAL B 636 -11.23 11.21 -6.85
N TYR B 637 -11.38 11.97 -7.93
CA TYR B 637 -10.25 12.73 -8.45
C TYR B 637 -9.95 13.90 -7.52
N PHE B 638 -8.69 14.30 -7.49
CA PHE B 638 -8.27 15.39 -6.62
C PHE B 638 -8.61 15.11 -5.16
N PRO B 639 -8.11 14.01 -4.57
CA PRO B 639 -8.39 13.73 -3.16
C PRO B 639 -7.82 14.81 -2.23
#